data_1EEK
# 
_entry.id   1EEK 
# 
_audit_conform.dict_name       mmcif_pdbx.dic 
_audit_conform.dict_version    5.392 
_audit_conform.dict_location   http://mmcif.pdb.org/dictionaries/ascii/mmcif_pdbx.dic 
# 
loop_
_database_2.database_id 
_database_2.database_code 
_database_2.pdbx_database_accession 
_database_2.pdbx_DOI 
PDB   1EEK         pdb_00001eek 10.2210/pdb1eek/pdb 
RCSB  RCSB010497   ?            ?                   
WWPDB D_1000010497 ?            ?                   
# 
loop_
_pdbx_audit_revision_history.ordinal 
_pdbx_audit_revision_history.data_content_type 
_pdbx_audit_revision_history.major_revision 
_pdbx_audit_revision_history.minor_revision 
_pdbx_audit_revision_history.revision_date 
1 'Structure model' 1 0 2000-02-16 
2 'Structure model' 1 1 2008-04-27 
3 'Structure model' 1 2 2011-07-13 
4 'Structure model' 1 3 2022-02-16 
5 'Structure model' 1 4 2024-05-22 
# 
_pdbx_audit_revision_details.ordinal             1 
_pdbx_audit_revision_details.revision_ordinal    1 
_pdbx_audit_revision_details.data_content_type   'Structure model' 
_pdbx_audit_revision_details.provider            repository 
_pdbx_audit_revision_details.type                'Initial release' 
_pdbx_audit_revision_details.description         ? 
_pdbx_audit_revision_details.details             ? 
# 
loop_
_pdbx_audit_revision_group.ordinal 
_pdbx_audit_revision_group.revision_ordinal 
_pdbx_audit_revision_group.data_content_type 
_pdbx_audit_revision_group.group 
1 2 'Structure model' 'Version format compliance' 
2 3 'Structure model' 'Version format compliance' 
3 4 'Structure model' 'Database references'       
4 4 'Structure model' 'Derived calculations'      
5 5 'Structure model' 'Data collection'           
# 
loop_
_pdbx_audit_revision_category.ordinal 
_pdbx_audit_revision_category.revision_ordinal 
_pdbx_audit_revision_category.data_content_type 
_pdbx_audit_revision_category.category 
1 4 'Structure model' database_2            
2 4 'Structure model' pdbx_struct_assembly  
3 4 'Structure model' pdbx_struct_oper_list 
4 4 'Structure model' struct_conn           
5 5 'Structure model' chem_comp_atom        
6 5 'Structure model' chem_comp_bond        
# 
loop_
_pdbx_audit_revision_item.ordinal 
_pdbx_audit_revision_item.revision_ordinal 
_pdbx_audit_revision_item.data_content_type 
_pdbx_audit_revision_item.item 
1 4 'Structure model' '_database_2.pdbx_DOI'                
2 4 'Structure model' '_database_2.pdbx_database_accession' 
3 4 'Structure model' '_struct_conn.pdbx_leaving_atom_flag' 
# 
_pdbx_database_status.status_code                     REL 
_pdbx_database_status.entry_id                        1EEK 
_pdbx_database_status.recvd_initial_deposition_date   2000-02-01 
_pdbx_database_status.deposit_site                    RCSB 
_pdbx_database_status.process_site                    RCSB 
_pdbx_database_status.SG_entry                        . 
_pdbx_database_status.pdb_format_compatible           Y 
_pdbx_database_status.status_code_mr                  ? 
_pdbx_database_status.status_code_sf                  ? 
_pdbx_database_status.status_code_cs                  ? 
_pdbx_database_status.status_code_nmr_data            ? 
_pdbx_database_status.methods_development_category    ? 
# 
_pdbx_database_related.db_name        PDB 
_pdbx_database_related.db_id          1BW7 
_pdbx_database_related.details        'solution structure of an F - A pair' 
_pdbx_database_related.content_type   unspecified 
# 
loop_
_audit_author.name 
_audit_author.pdbx_ordinal 
'Kool, E.T.'    1 
'Krugh, T.R.'   2 
'Guckian, K.M.' 3 
# 
_citation.id                        primary 
_citation.title                     'Solution Structure of a Nonpolar, Non-Hydrogen-Bonded Base Pair Surrogate in DNA' 
_citation.journal_abbrev            J.Am.Chem.Soc. 
_citation.journal_volume            122 
_citation.page_first                6841 
_citation.page_last                 6847 
_citation.year                      2000 
_citation.journal_id_ASTM           JACSAT 
_citation.country                   US 
_citation.journal_id_ISSN           0002-7863 
_citation.journal_id_CSD            0004 
_citation.book_publisher            ? 
_citation.pdbx_database_id_PubMed   -1 
_citation.pdbx_database_id_DOI      ? 
# 
loop_
_citation_author.citation_id 
_citation_author.name 
_citation_author.ordinal 
_citation_author.identifier_ORCID 
primary 'Guckian, K.M.' 1 ? 
primary 'Krugh, T.R.'   2 ? 
primary 'Kool, E.T.'    3 ? 
# 
loop_
_entity.id 
_entity.type 
_entity.src_method 
_entity.pdbx_description 
_entity.formula_weight 
_entity.pdbx_number_of_molecules 
_entity.pdbx_ec 
_entity.pdbx_mutation 
_entity.pdbx_fragment 
_entity.details 
1 polymer syn "5'-D(*CP*GP*CP*AP*TP*(DFT)P*GP*TP*TP*AP*CP*C)-3'" 3615.372 1 ? ? ? ? 
2 polymer syn "5'-D(*GP*GP*TP*AP*AP*CP*(MBZ)P*AP*TP*GP*CP*G)-3'" 3708.478 1 ? ? ? ? 
# 
loop_
_entity_poly.entity_id 
_entity_poly.type 
_entity_poly.nstd_linkage 
_entity_poly.nstd_monomer 
_entity_poly.pdbx_seq_one_letter_code 
_entity_poly.pdbx_seq_one_letter_code_can 
_entity_poly.pdbx_strand_id 
_entity_poly.pdbx_target_identifier 
1 polydeoxyribonucleotide no yes '(DC)(DG)(DC)(DA)(DT)(DFT)(DG)(DT)(DT)(DA)(DC)(DC)' CGCATNGTTACC 1 ? 
2 polydeoxyribonucleotide no yes '(DG)(DG)(DT)(DA)(DA)(DC)(MBZ)(DA)(DT)(DG)(DC)(DG)' GGTAACNATGCG 2 ? 
# 
loop_
_entity_poly_seq.entity_id 
_entity_poly_seq.num 
_entity_poly_seq.mon_id 
_entity_poly_seq.hetero 
1 1  DC  n 
1 2  DG  n 
1 3  DC  n 
1 4  DA  n 
1 5  DT  n 
1 6  DFT n 
1 7  DG  n 
1 8  DT  n 
1 9  DT  n 
1 10 DA  n 
1 11 DC  n 
1 12 DC  n 
2 1  DG  n 
2 2  DG  n 
2 3  DT  n 
2 4  DA  n 
2 5  DA  n 
2 6  DC  n 
2 7  MBZ n 
2 8  DA  n 
2 9  DT  n 
2 10 DG  n 
2 11 DC  n 
2 12 DG  n 
# 
loop_
_chem_comp.id 
_chem_comp.type 
_chem_comp.mon_nstd_flag 
_chem_comp.name 
_chem_comp.pdbx_synonyms 
_chem_comp.formula 
_chem_comp.formula_weight 
DA  'DNA linking' y "2'-DEOXYADENOSINE-5'-MONOPHOSPHATE"                                     ? 'C10 H14 N5 O6 P' 331.222 
DC  'DNA linking' y "2'-DEOXYCYTIDINE-5'-MONOPHOSPHATE"                                      ? 'C9 H14 N3 O7 P'  307.197 
DFT 'DNA linking' . "1-[2-DEOXYRIBOFURANOSYL]-2,4-DIFLUORO-5-METHYL-BENZENE-5'MONOPHOSPHATE" ? 'C12 H15 F2 O6 P' 324.214 
DG  'DNA linking' y "2'-DEOXYGUANOSINE-5'-MONOPHOSPHATE"                                     ? 'C10 H14 N5 O7 P' 347.221 
DT  'DNA linking' y "THYMIDINE-5'-MONOPHOSPHATE"                                             ? 'C10 H15 N2 O8 P' 322.208 
MBZ 'DNA linking' . "1-[2-DEOXYRIBOFURANOSYL]-4-METHYL-BENZOIMIDAZOLE-5'-MONOPHOSPHATE"      ? 'C13 H17 N2 O6 P' 328.258 
# 
loop_
_pdbx_poly_seq_scheme.asym_id 
_pdbx_poly_seq_scheme.entity_id 
_pdbx_poly_seq_scheme.seq_id 
_pdbx_poly_seq_scheme.mon_id 
_pdbx_poly_seq_scheme.ndb_seq_num 
_pdbx_poly_seq_scheme.pdb_seq_num 
_pdbx_poly_seq_scheme.auth_seq_num 
_pdbx_poly_seq_scheme.pdb_mon_id 
_pdbx_poly_seq_scheme.auth_mon_id 
_pdbx_poly_seq_scheme.pdb_strand_id 
_pdbx_poly_seq_scheme.pdb_ins_code 
_pdbx_poly_seq_scheme.hetero 
A 1 1  DC  1  1  1  DC  C   1 . n 
A 1 2  DG  2  2  2  DG  G   1 . n 
A 1 3  DC  3  3  3  DC  C   1 . n 
A 1 4  DA  4  4  4  DA  A   1 . n 
A 1 5  DT  5  5  5  DT  T   1 . n 
A 1 6  DFT 6  6  6  DFT DFT 1 . n 
A 1 7  DG  7  7  7  DG  G   1 . n 
A 1 8  DT  8  8  8  DT  T   1 . n 
A 1 9  DT  9  9  9  DT  T   1 . n 
A 1 10 DA  10 10 10 DA  A   1 . n 
A 1 11 DC  11 11 11 DC  C   1 . n 
A 1 12 DC  12 12 12 DC  C   1 . n 
B 2 1  DG  1  1  1  DG  G   2 . n 
B 2 2  DG  2  2  2  DG  G   2 . n 
B 2 3  DT  3  3  3  DT  T   2 . n 
B 2 4  DA  4  4  4  DA  A   2 . n 
B 2 5  DA  5  5  5  DA  A   2 . n 
B 2 6  DC  6  6  6  DC  C   2 . n 
B 2 7  MBZ 7  7  7  MBZ MBZ 2 . n 
B 2 8  DA  8  8  8  DA  A   2 . n 
B 2 9  DT  9  9  9  DT  T   2 . n 
B 2 10 DG  10 10 10 DG  G   2 . n 
B 2 11 DC  11 11 11 DC  C   2 . n 
B 2 12 DG  12 12 12 DG  G   2 . n 
# 
_cell.entry_id           1EEK 
_cell.length_a           1.000 
_cell.length_b           1.000 
_cell.length_c           1.000 
_cell.angle_alpha        90.00 
_cell.angle_beta         90.00 
_cell.angle_gamma        90.00 
_cell.Z_PDB              1 
_cell.pdbx_unique_axis   ? 
# 
_symmetry.entry_id                         1EEK 
_symmetry.space_group_name_H-M             'P 1' 
_symmetry.pdbx_full_space_group_name_H-M   ? 
_symmetry.cell_setting                     ? 
_symmetry.Int_Tables_number                1 
# 
_exptl.entry_id          1EEK 
_exptl.method            'SOLUTION NMR' 
_exptl.crystals_number   ? 
# 
_struct.entry_id                  1EEK 
_struct.title                     'SOLUTION STRUCTURE OF A NONPOLAR, NON HYDROGEN BONDED BASE PAIR SURROGATE IN DNA.' 
_struct.pdbx_model_details        ? 
_struct.pdbx_CASP_flag            ? 
_struct.pdbx_model_type_details   ? 
# 
_struct_keywords.entry_id        1EEK 
_struct_keywords.pdbx_keywords   DNA 
_struct_keywords.text            'DNA, Nonpolar, isosteric, DNA base analogs' 
# 
loop_
_struct_asym.id 
_struct_asym.pdbx_blank_PDB_chainid_flag 
_struct_asym.pdbx_modified 
_struct_asym.entity_id 
_struct_asym.details 
A N N 1 ? 
B N N 2 ? 
# 
loop_
_struct_ref.id 
_struct_ref.entity_id 
_struct_ref.db_name 
_struct_ref.db_code 
_struct_ref.pdbx_db_accession 
_struct_ref.pdbx_db_isoform 
_struct_ref.pdbx_seq_one_letter_code 
_struct_ref.pdbx_align_begin 
1 1 PDB 1EEK 1EEK ? ? ? 
2 2 PDB 1EEK 1EEK ? ? ? 
# 
loop_
_struct_ref_seq.align_id 
_struct_ref_seq.ref_id 
_struct_ref_seq.pdbx_PDB_id_code 
_struct_ref_seq.pdbx_strand_id 
_struct_ref_seq.seq_align_beg 
_struct_ref_seq.pdbx_seq_align_beg_ins_code 
_struct_ref_seq.seq_align_end 
_struct_ref_seq.pdbx_seq_align_end_ins_code 
_struct_ref_seq.pdbx_db_accession 
_struct_ref_seq.db_align_beg 
_struct_ref_seq.pdbx_db_align_beg_ins_code 
_struct_ref_seq.db_align_end 
_struct_ref_seq.pdbx_db_align_end_ins_code 
_struct_ref_seq.pdbx_auth_seq_align_beg 
_struct_ref_seq.pdbx_auth_seq_align_end 
1 1 1EEK 1 1 ? 12 ? 1EEK 1 ? 12 ? 1 12 
2 2 1EEK 2 1 ? 12 ? 1EEK 1 ? 12 ? 1 12 
# 
_pdbx_struct_assembly.id                   1 
_pdbx_struct_assembly.details              author_defined_assembly 
_pdbx_struct_assembly.method_details       ? 
_pdbx_struct_assembly.oligomeric_details   dimeric 
_pdbx_struct_assembly.oligomeric_count     2 
# 
_pdbx_struct_assembly_gen.assembly_id       1 
_pdbx_struct_assembly_gen.oper_expression   1 
_pdbx_struct_assembly_gen.asym_id_list      A,B 
# 
_pdbx_struct_oper_list.id                   1 
_pdbx_struct_oper_list.type                 'identity operation' 
_pdbx_struct_oper_list.name                 1_555 
_pdbx_struct_oper_list.symmetry_operation   x,y,z 
_pdbx_struct_oper_list.matrix[1][1]         1.0000000000 
_pdbx_struct_oper_list.matrix[1][2]         0.0000000000 
_pdbx_struct_oper_list.matrix[1][3]         0.0000000000 
_pdbx_struct_oper_list.vector[1]            0.0000000000 
_pdbx_struct_oper_list.matrix[2][1]         0.0000000000 
_pdbx_struct_oper_list.matrix[2][2]         1.0000000000 
_pdbx_struct_oper_list.matrix[2][3]         0.0000000000 
_pdbx_struct_oper_list.vector[2]            0.0000000000 
_pdbx_struct_oper_list.matrix[3][1]         0.0000000000 
_pdbx_struct_oper_list.matrix[3][2]         0.0000000000 
_pdbx_struct_oper_list.matrix[3][3]         1.0000000000 
_pdbx_struct_oper_list.vector[3]            0.0000000000 
# 
_struct_biol.id   1 
# 
loop_
_struct_conn.id 
_struct_conn.conn_type_id 
_struct_conn.pdbx_leaving_atom_flag 
_struct_conn.pdbx_PDB_id 
_struct_conn.ptnr1_label_asym_id 
_struct_conn.ptnr1_label_comp_id 
_struct_conn.ptnr1_label_seq_id 
_struct_conn.ptnr1_label_atom_id 
_struct_conn.pdbx_ptnr1_label_alt_id 
_struct_conn.pdbx_ptnr1_PDB_ins_code 
_struct_conn.pdbx_ptnr1_standard_comp_id 
_struct_conn.ptnr1_symmetry 
_struct_conn.ptnr2_label_asym_id 
_struct_conn.ptnr2_label_comp_id 
_struct_conn.ptnr2_label_seq_id 
_struct_conn.ptnr2_label_atom_id 
_struct_conn.pdbx_ptnr2_label_alt_id 
_struct_conn.pdbx_ptnr2_PDB_ins_code 
_struct_conn.ptnr1_auth_asym_id 
_struct_conn.ptnr1_auth_comp_id 
_struct_conn.ptnr1_auth_seq_id 
_struct_conn.ptnr2_auth_asym_id 
_struct_conn.ptnr2_auth_comp_id 
_struct_conn.ptnr2_auth_seq_id 
_struct_conn.ptnr2_symmetry 
_struct_conn.pdbx_ptnr3_label_atom_id 
_struct_conn.pdbx_ptnr3_label_seq_id 
_struct_conn.pdbx_ptnr3_label_comp_id 
_struct_conn.pdbx_ptnr3_label_asym_id 
_struct_conn.pdbx_ptnr3_label_alt_id 
_struct_conn.pdbx_ptnr3_PDB_ins_code 
_struct_conn.details 
_struct_conn.pdbx_dist_value 
_struct_conn.pdbx_value_order 
_struct_conn.pdbx_role 
covale1  covale both ? A DT  5  "O3'" ? ? ? 1_555 A DFT 6  P  ? ? 1 DT  5  1 DFT 6  1_555 ? ? ? ? ? ? ?            1.613 ? ? 
covale2  covale both ? A DFT 6  "O3'" ? ? ? 1_555 A DG  7  P  ? ? 1 DFT 6  1 DG  7  1_555 ? ? ? ? ? ? ?            1.624 ? ? 
covale3  covale both ? B DC  6  "O3'" ? ? ? 1_555 B MBZ 7  P  ? ? 2 DC  6  2 MBZ 7  1_555 ? ? ? ? ? ? ?            1.597 ? ? 
covale4  covale one  ? B MBZ 7  "O3'" ? ? ? 1_555 B DA  8  P  ? ? 2 MBZ 7  2 DA  8  1_555 ? ? ? ? ? ? ?            1.613 ? ? 
hydrog1  hydrog ?    ? A DC  1  N3    ? ? ? 1_555 B DG  12 N1 ? ? 1 DC  1  2 DG  12 1_555 ? ? ? ? ? ? WATSON-CRICK ?     ? ? 
hydrog2  hydrog ?    ? A DC  1  N4    ? ? ? 1_555 B DG  12 O6 ? ? 1 DC  1  2 DG  12 1_555 ? ? ? ? ? ? WATSON-CRICK ?     ? ? 
hydrog3  hydrog ?    ? A DC  1  O2    ? ? ? 1_555 B DG  12 N2 ? ? 1 DC  1  2 DG  12 1_555 ? ? ? ? ? ? WATSON-CRICK ?     ? ? 
hydrog4  hydrog ?    ? A DG  2  N1    ? ? ? 1_555 B DC  11 N3 ? ? 1 DG  2  2 DC  11 1_555 ? ? ? ? ? ? WATSON-CRICK ?     ? ? 
hydrog5  hydrog ?    ? A DG  2  N2    ? ? ? 1_555 B DC  11 O2 ? ? 1 DG  2  2 DC  11 1_555 ? ? ? ? ? ? WATSON-CRICK ?     ? ? 
hydrog6  hydrog ?    ? A DG  2  O6    ? ? ? 1_555 B DC  11 N4 ? ? 1 DG  2  2 DC  11 1_555 ? ? ? ? ? ? WATSON-CRICK ?     ? ? 
hydrog7  hydrog ?    ? A DC  3  N3    ? ? ? 1_555 B DG  10 N1 ? ? 1 DC  3  2 DG  10 1_555 ? ? ? ? ? ? WATSON-CRICK ?     ? ? 
hydrog8  hydrog ?    ? A DC  3  N4    ? ? ? 1_555 B DG  10 O6 ? ? 1 DC  3  2 DG  10 1_555 ? ? ? ? ? ? WATSON-CRICK ?     ? ? 
hydrog9  hydrog ?    ? A DC  3  O2    ? ? ? 1_555 B DG  10 N2 ? ? 1 DC  3  2 DG  10 1_555 ? ? ? ? ? ? WATSON-CRICK ?     ? ? 
hydrog10 hydrog ?    ? A DA  4  N1    ? ? ? 1_555 B DT  9  N3 ? ? 1 DA  4  2 DT  9  1_555 ? ? ? ? ? ? WATSON-CRICK ?     ? ? 
hydrog11 hydrog ?    ? A DA  4  N6    ? ? ? 1_555 B DT  9  O4 ? ? 1 DA  4  2 DT  9  1_555 ? ? ? ? ? ? WATSON-CRICK ?     ? ? 
hydrog12 hydrog ?    ? A DT  5  N3    ? ? ? 1_555 B DA  8  N1 ? ? 1 DT  5  2 DA  8  1_555 ? ? ? ? ? ? WATSON-CRICK ?     ? ? 
hydrog13 hydrog ?    ? A DT  5  O4    ? ? ? 1_555 B DA  8  N6 ? ? 1 DT  5  2 DA  8  1_555 ? ? ? ? ? ? WATSON-CRICK ?     ? ? 
hydrog14 hydrog ?    ? A DG  7  N1    ? ? ? 1_555 B DC  6  N3 ? ? 1 DG  7  2 DC  6  1_555 ? ? ? ? ? ? WATSON-CRICK ?     ? ? 
hydrog15 hydrog ?    ? A DG  7  N2    ? ? ? 1_555 B DC  6  O2 ? ? 1 DG  7  2 DC  6  1_555 ? ? ? ? ? ? WATSON-CRICK ?     ? ? 
hydrog16 hydrog ?    ? A DG  7  O6    ? ? ? 1_555 B DC  6  N4 ? ? 1 DG  7  2 DC  6  1_555 ? ? ? ? ? ? WATSON-CRICK ?     ? ? 
hydrog17 hydrog ?    ? A DT  8  N3    ? ? ? 1_555 B DA  5  N1 ? ? 1 DT  8  2 DA  5  1_555 ? ? ? ? ? ? WATSON-CRICK ?     ? ? 
hydrog18 hydrog ?    ? A DT  8  O4    ? ? ? 1_555 B DA  5  N6 ? ? 1 DT  8  2 DA  5  1_555 ? ? ? ? ? ? WATSON-CRICK ?     ? ? 
hydrog19 hydrog ?    ? A DT  9  N3    ? ? ? 1_555 B DA  4  N1 ? ? 1 DT  9  2 DA  4  1_555 ? ? ? ? ? ? WATSON-CRICK ?     ? ? 
hydrog20 hydrog ?    ? A DT  9  O4    ? ? ? 1_555 B DA  4  N6 ? ? 1 DT  9  2 DA  4  1_555 ? ? ? ? ? ? WATSON-CRICK ?     ? ? 
hydrog21 hydrog ?    ? A DA  10 N1    ? ? ? 1_555 B DT  3  N3 ? ? 1 DA  10 2 DT  3  1_555 ? ? ? ? ? ? WATSON-CRICK ?     ? ? 
hydrog22 hydrog ?    ? A DA  10 N6    ? ? ? 1_555 B DT  3  O4 ? ? 1 DA  10 2 DT  3  1_555 ? ? ? ? ? ? WATSON-CRICK ?     ? ? 
hydrog23 hydrog ?    ? A DC  11 N3    ? ? ? 1_555 B DG  2  N1 ? ? 1 DC  11 2 DG  2  1_555 ? ? ? ? ? ? WATSON-CRICK ?     ? ? 
hydrog24 hydrog ?    ? A DC  11 N4    ? ? ? 1_555 B DG  2  O6 ? ? 1 DC  11 2 DG  2  1_555 ? ? ? ? ? ? WATSON-CRICK ?     ? ? 
hydrog25 hydrog ?    ? A DC  11 O2    ? ? ? 1_555 B DG  2  N2 ? ? 1 DC  11 2 DG  2  1_555 ? ? ? ? ? ? WATSON-CRICK ?     ? ? 
hydrog26 hydrog ?    ? A DC  12 N3    ? ? ? 1_555 B DG  1  N1 ? ? 1 DC  12 2 DG  1  1_555 ? ? ? ? ? ? WATSON-CRICK ?     ? ? 
hydrog27 hydrog ?    ? A DC  12 N4    ? ? ? 1_555 B DG  1  O6 ? ? 1 DC  12 2 DG  1  1_555 ? ? ? ? ? ? WATSON-CRICK ?     ? ? 
hydrog28 hydrog ?    ? A DC  12 O2    ? ? ? 1_555 B DG  1  N2 ? ? 1 DC  12 2 DG  1  1_555 ? ? ? ? ? ? WATSON-CRICK ?     ? ? 
# 
loop_
_struct_conn_type.id 
_struct_conn_type.criteria 
_struct_conn_type.reference 
covale ? ? 
hydrog ? ? 
# 
loop_
_pdbx_validate_rmsd_angle.id 
_pdbx_validate_rmsd_angle.PDB_model_num 
_pdbx_validate_rmsd_angle.auth_atom_id_1 
_pdbx_validate_rmsd_angle.auth_asym_id_1 
_pdbx_validate_rmsd_angle.auth_comp_id_1 
_pdbx_validate_rmsd_angle.auth_seq_id_1 
_pdbx_validate_rmsd_angle.PDB_ins_code_1 
_pdbx_validate_rmsd_angle.label_alt_id_1 
_pdbx_validate_rmsd_angle.auth_atom_id_2 
_pdbx_validate_rmsd_angle.auth_asym_id_2 
_pdbx_validate_rmsd_angle.auth_comp_id_2 
_pdbx_validate_rmsd_angle.auth_seq_id_2 
_pdbx_validate_rmsd_angle.PDB_ins_code_2 
_pdbx_validate_rmsd_angle.label_alt_id_2 
_pdbx_validate_rmsd_angle.auth_atom_id_3 
_pdbx_validate_rmsd_angle.auth_asym_id_3 
_pdbx_validate_rmsd_angle.auth_comp_id_3 
_pdbx_validate_rmsd_angle.auth_seq_id_3 
_pdbx_validate_rmsd_angle.PDB_ins_code_3 
_pdbx_validate_rmsd_angle.label_alt_id_3 
_pdbx_validate_rmsd_angle.angle_value 
_pdbx_validate_rmsd_angle.angle_target_value 
_pdbx_validate_rmsd_angle.angle_deviation 
_pdbx_validate_rmsd_angle.angle_standard_deviation 
_pdbx_validate_rmsd_angle.linker_flag 
1 1 "O4'" 1 DC 1  ? ? "C1'" 1 DC 1  ? ? N1    1 DC 1  ? ? 110.65 108.30 2.35  0.30 N 
2 1 "O4'" 1 DT 8  ? ? "C1'" 1 DT 8  ? ? N1    1 DT 8  ? ? 110.16 108.30 1.86  0.30 N 
3 1 "O4'" 1 DA 10 ? ? "C1'" 1 DA 10 ? ? N9    1 DA 10 ? ? 110.62 108.30 2.32  0.30 N 
4 1 "O4'" 1 DC 12 ? ? "C1'" 1 DC 12 ? ? N1    1 DC 12 ? ? 113.81 108.30 5.51  0.30 N 
5 1 "O5'" 2 DG 1  ? ? "C5'" 2 DG 1  ? ? "C4'" 2 DG 1  ? ? 130.65 111.00 19.65 2.50 N 
6 1 "O4'" 2 DG 1  ? ? "C1'" 2 DG 1  ? ? N9    2 DG 1  ? ? 111.03 108.30 2.73  0.30 N 
7 1 "O4'" 2 DA 4  ? ? "C1'" 2 DA 4  ? ? N9    2 DA 4  ? ? 112.09 108.30 3.79  0.30 N 
8 1 "O4'" 2 DC 6  ? ? "C1'" 2 DC 6  ? ? N1    2 DC 6  ? ? 111.51 108.30 3.21  0.30 N 
# 
loop_
_pdbx_validate_planes.id 
_pdbx_validate_planes.PDB_model_num 
_pdbx_validate_planes.auth_comp_id 
_pdbx_validate_planes.auth_asym_id 
_pdbx_validate_planes.auth_seq_id 
_pdbx_validate_planes.PDB_ins_code 
_pdbx_validate_planes.label_alt_id 
_pdbx_validate_planes.rmsd 
_pdbx_validate_planes.type 
1 1 DA 1 4 ? ? 0.118 'SIDE CHAIN' 
2 1 DT 1 5 ? ? 0.100 'SIDE CHAIN' 
# 
_pdbx_nmr_ensemble.entry_id                             1EEK 
_pdbx_nmr_ensemble.conformers_calculated_total_number   ? 
_pdbx_nmr_ensemble.conformers_submitted_total_number    1 
_pdbx_nmr_ensemble.conformer_selection_criteria         ? 
# 
_pdbx_nmr_sample_details.solution_id      1 
_pdbx_nmr_sample_details.contents         '3 mM DNA, phosphate buffer, 100% D2O' 
_pdbx_nmr_sample_details.solvent_system   '100% D2O' 
# 
_pdbx_nmr_exptl_sample_conditions.conditions_id       1 
_pdbx_nmr_exptl_sample_conditions.temperature         15 
_pdbx_nmr_exptl_sample_conditions.pressure            ambient 
_pdbx_nmr_exptl_sample_conditions.pH                  7.4 
_pdbx_nmr_exptl_sample_conditions.ionic_strength      '100 mM' 
_pdbx_nmr_exptl_sample_conditions.pressure_units      ? 
_pdbx_nmr_exptl_sample_conditions.temperature_units   K 
# 
_pdbx_nmr_exptl.experiment_id   1 
_pdbx_nmr_exptl.conditions_id   1 
_pdbx_nmr_exptl.solution_id     1 
_pdbx_nmr_exptl.type            '2D NOESY' 
# 
_pdbx_nmr_refine.entry_id           1EEK 
_pdbx_nmr_refine.method             'restrained molecular dynamics' 
_pdbx_nmr_refine.details            ? 
_pdbx_nmr_refine.software_ordinal   1 
# 
loop_
_chem_comp_atom.comp_id 
_chem_comp_atom.atom_id 
_chem_comp_atom.type_symbol 
_chem_comp_atom.pdbx_aromatic_flag 
_chem_comp_atom.pdbx_stereo_config 
_chem_comp_atom.pdbx_ordinal 
DA  OP3    O N N 1   
DA  P      P N N 2   
DA  OP1    O N N 3   
DA  OP2    O N N 4   
DA  "O5'"  O N N 5   
DA  "C5'"  C N N 6   
DA  "C4'"  C N R 7   
DA  "O4'"  O N N 8   
DA  "C3'"  C N S 9   
DA  "O3'"  O N N 10  
DA  "C2'"  C N N 11  
DA  "C1'"  C N R 12  
DA  N9     N Y N 13  
DA  C8     C Y N 14  
DA  N7     N Y N 15  
DA  C5     C Y N 16  
DA  C6     C Y N 17  
DA  N6     N N N 18  
DA  N1     N Y N 19  
DA  C2     C Y N 20  
DA  N3     N Y N 21  
DA  C4     C Y N 22  
DA  HOP3   H N N 23  
DA  HOP2   H N N 24  
DA  "H5'"  H N N 25  
DA  "H5''" H N N 26  
DA  "H4'"  H N N 27  
DA  "H3'"  H N N 28  
DA  "HO3'" H N N 29  
DA  "H2'"  H N N 30  
DA  "H2''" H N N 31  
DA  "H1'"  H N N 32  
DA  H8     H N N 33  
DA  H61    H N N 34  
DA  H62    H N N 35  
DA  H2     H N N 36  
DC  OP3    O N N 37  
DC  P      P N N 38  
DC  OP1    O N N 39  
DC  OP2    O N N 40  
DC  "O5'"  O N N 41  
DC  "C5'"  C N N 42  
DC  "C4'"  C N R 43  
DC  "O4'"  O N N 44  
DC  "C3'"  C N S 45  
DC  "O3'"  O N N 46  
DC  "C2'"  C N N 47  
DC  "C1'"  C N R 48  
DC  N1     N N N 49  
DC  C2     C N N 50  
DC  O2     O N N 51  
DC  N3     N N N 52  
DC  C4     C N N 53  
DC  N4     N N N 54  
DC  C5     C N N 55  
DC  C6     C N N 56  
DC  HOP3   H N N 57  
DC  HOP2   H N N 58  
DC  "H5'"  H N N 59  
DC  "H5''" H N N 60  
DC  "H4'"  H N N 61  
DC  "H3'"  H N N 62  
DC  "HO3'" H N N 63  
DC  "H2'"  H N N 64  
DC  "H2''" H N N 65  
DC  "H1'"  H N N 66  
DC  H41    H N N 67  
DC  H42    H N N 68  
DC  H5     H N N 69  
DC  H6     H N N 70  
DFT P      P N N 71  
DFT OP1    O N N 72  
DFT OP2    O N N 73  
DFT OP3    O N N 74  
DFT "O5'"  O N N 75  
DFT "C5'"  C N N 76  
DFT "C4'"  C N R 77  
DFT "O4'"  O N N 78  
DFT "C3'"  C N S 79  
DFT "O3'"  O N N 80  
DFT "C2'"  C N N 81  
DFT "C1'"  C N R 82  
DFT C2     C Y N 83  
DFT C4     C Y N 84  
DFT C5     C Y N 85  
DFT C5M    C N N 86  
DFT C6     C Y N 87  
DFT F4     F N N 88  
DFT C3     C Y N 89  
DFT F2     F N N 90  
DFT C1     C Y N 91  
DFT HOP2   H N N 92  
DFT HOP3   H N N 93  
DFT "H5'"  H N N 94  
DFT "H5''" H N N 95  
DFT "H4'"  H N N 96  
DFT "H3'"  H N N 97  
DFT "HO3'" H N N 98  
DFT "H2'"  H N N 99  
DFT "H2''" H N N 100 
DFT "H1'"  H N N 101 
DFT H71    H N N 102 
DFT H72    H N N 103 
DFT H73    H N N 104 
DFT H6     H N N 105 
DFT H3     H N N 106 
DG  OP3    O N N 107 
DG  P      P N N 108 
DG  OP1    O N N 109 
DG  OP2    O N N 110 
DG  "O5'"  O N N 111 
DG  "C5'"  C N N 112 
DG  "C4'"  C N R 113 
DG  "O4'"  O N N 114 
DG  "C3'"  C N S 115 
DG  "O3'"  O N N 116 
DG  "C2'"  C N N 117 
DG  "C1'"  C N R 118 
DG  N9     N Y N 119 
DG  C8     C Y N 120 
DG  N7     N Y N 121 
DG  C5     C Y N 122 
DG  C6     C N N 123 
DG  O6     O N N 124 
DG  N1     N N N 125 
DG  C2     C N N 126 
DG  N2     N N N 127 
DG  N3     N N N 128 
DG  C4     C Y N 129 
DG  HOP3   H N N 130 
DG  HOP2   H N N 131 
DG  "H5'"  H N N 132 
DG  "H5''" H N N 133 
DG  "H4'"  H N N 134 
DG  "H3'"  H N N 135 
DG  "HO3'" H N N 136 
DG  "H2'"  H N N 137 
DG  "H2''" H N N 138 
DG  "H1'"  H N N 139 
DG  H8     H N N 140 
DG  H1     H N N 141 
DG  H21    H N N 142 
DG  H22    H N N 143 
DT  OP3    O N N 144 
DT  P      P N N 145 
DT  OP1    O N N 146 
DT  OP2    O N N 147 
DT  "O5'"  O N N 148 
DT  "C5'"  C N N 149 
DT  "C4'"  C N R 150 
DT  "O4'"  O N N 151 
DT  "C3'"  C N S 152 
DT  "O3'"  O N N 153 
DT  "C2'"  C N N 154 
DT  "C1'"  C N R 155 
DT  N1     N N N 156 
DT  C2     C N N 157 
DT  O2     O N N 158 
DT  N3     N N N 159 
DT  C4     C N N 160 
DT  O4     O N N 161 
DT  C5     C N N 162 
DT  C7     C N N 163 
DT  C6     C N N 164 
DT  HOP3   H N N 165 
DT  HOP2   H N N 166 
DT  "H5'"  H N N 167 
DT  "H5''" H N N 168 
DT  "H4'"  H N N 169 
DT  "H3'"  H N N 170 
DT  "HO3'" H N N 171 
DT  "H2'"  H N N 172 
DT  "H2''" H N N 173 
DT  "H1'"  H N N 174 
DT  H3     H N N 175 
DT  H71    H N N 176 
DT  H72    H N N 177 
DT  H73    H N N 178 
DT  H6     H N N 179 
MBZ P      P N N 180 
MBZ OP1    O N N 181 
MBZ OP2    O N N 182 
MBZ OP3    O N N 183 
MBZ "O5'"  O N N 184 
MBZ "O3'"  O N N 185 
MBZ "C1'"  C N R 186 
MBZ "C2'"  C N N 187 
MBZ "C3'"  C N S 188 
MBZ "C4'"  C N R 189 
MBZ "C5'"  C N N 190 
MBZ "O4'"  O N N 191 
MBZ C5M    C N N 192 
MBZ C6     C Y N 193 
MBZ C7     C Y N 194 
MBZ N7     N Y N 195 
MBZ C8     C Y N 196 
MBZ N1     N Y N 197 
MBZ C9     C Y N 198 
MBZ C10    C Y N 199 
MBZ C11    C Y N 200 
MBZ C12    C Y N 201 
MBZ HOP2   H N N 202 
MBZ HOP3   H N N 203 
MBZ "HO'3" H N N 204 
MBZ "H1'"  H N N 205 
MBZ "H2'"  H N N 206 
MBZ "H2''" H N N 207 
MBZ "H3'"  H N N 208 
MBZ "H4'"  H N N 209 
MBZ "H5'"  H N N 210 
MBZ "H5''" H N N 211 
MBZ H71    H N N 212 
MBZ H72    H N N 213 
MBZ H73    H N N 214 
MBZ H8     H N N 215 
MBZ H10    H N N 216 
MBZ H11    H N N 217 
MBZ H12    H N N 218 
# 
loop_
_chem_comp_bond.comp_id 
_chem_comp_bond.atom_id_1 
_chem_comp_bond.atom_id_2 
_chem_comp_bond.value_order 
_chem_comp_bond.pdbx_aromatic_flag 
_chem_comp_bond.pdbx_stereo_config 
_chem_comp_bond.pdbx_ordinal 
DA  OP3   P      sing N N 1   
DA  OP3   HOP3   sing N N 2   
DA  P     OP1    doub N N 3   
DA  P     OP2    sing N N 4   
DA  P     "O5'"  sing N N 5   
DA  OP2   HOP2   sing N N 6   
DA  "O5'" "C5'"  sing N N 7   
DA  "C5'" "C4'"  sing N N 8   
DA  "C5'" "H5'"  sing N N 9   
DA  "C5'" "H5''" sing N N 10  
DA  "C4'" "O4'"  sing N N 11  
DA  "C4'" "C3'"  sing N N 12  
DA  "C4'" "H4'"  sing N N 13  
DA  "O4'" "C1'"  sing N N 14  
DA  "C3'" "O3'"  sing N N 15  
DA  "C3'" "C2'"  sing N N 16  
DA  "C3'" "H3'"  sing N N 17  
DA  "O3'" "HO3'" sing N N 18  
DA  "C2'" "C1'"  sing N N 19  
DA  "C2'" "H2'"  sing N N 20  
DA  "C2'" "H2''" sing N N 21  
DA  "C1'" N9     sing N N 22  
DA  "C1'" "H1'"  sing N N 23  
DA  N9    C8     sing Y N 24  
DA  N9    C4     sing Y N 25  
DA  C8    N7     doub Y N 26  
DA  C8    H8     sing N N 27  
DA  N7    C5     sing Y N 28  
DA  C5    C6     sing Y N 29  
DA  C5    C4     doub Y N 30  
DA  C6    N6     sing N N 31  
DA  C6    N1     doub Y N 32  
DA  N6    H61    sing N N 33  
DA  N6    H62    sing N N 34  
DA  N1    C2     sing Y N 35  
DA  C2    N3     doub Y N 36  
DA  C2    H2     sing N N 37  
DA  N3    C4     sing Y N 38  
DC  OP3   P      sing N N 39  
DC  OP3   HOP3   sing N N 40  
DC  P     OP1    doub N N 41  
DC  P     OP2    sing N N 42  
DC  P     "O5'"  sing N N 43  
DC  OP2   HOP2   sing N N 44  
DC  "O5'" "C5'"  sing N N 45  
DC  "C5'" "C4'"  sing N N 46  
DC  "C5'" "H5'"  sing N N 47  
DC  "C5'" "H5''" sing N N 48  
DC  "C4'" "O4'"  sing N N 49  
DC  "C4'" "C3'"  sing N N 50  
DC  "C4'" "H4'"  sing N N 51  
DC  "O4'" "C1'"  sing N N 52  
DC  "C3'" "O3'"  sing N N 53  
DC  "C3'" "C2'"  sing N N 54  
DC  "C3'" "H3'"  sing N N 55  
DC  "O3'" "HO3'" sing N N 56  
DC  "C2'" "C1'"  sing N N 57  
DC  "C2'" "H2'"  sing N N 58  
DC  "C2'" "H2''" sing N N 59  
DC  "C1'" N1     sing N N 60  
DC  "C1'" "H1'"  sing N N 61  
DC  N1    C2     sing N N 62  
DC  N1    C6     sing N N 63  
DC  C2    O2     doub N N 64  
DC  C2    N3     sing N N 65  
DC  N3    C4     doub N N 66  
DC  C4    N4     sing N N 67  
DC  C4    C5     sing N N 68  
DC  N4    H41    sing N N 69  
DC  N4    H42    sing N N 70  
DC  C5    C6     doub N N 71  
DC  C5    H5     sing N N 72  
DC  C6    H6     sing N N 73  
DFT P     OP1    doub N N 74  
DFT P     OP2    sing N N 75  
DFT P     OP3    sing N N 76  
DFT P     "O5'"  sing N N 77  
DFT OP2   HOP2   sing N N 78  
DFT OP3   HOP3   sing N N 79  
DFT "O5'" "C5'"  sing N N 80  
DFT "C5'" "C4'"  sing N N 81  
DFT "C5'" "H5'"  sing N N 82  
DFT "C5'" "H5''" sing N N 83  
DFT "C4'" "O4'"  sing N N 84  
DFT "C4'" "C3'"  sing N N 85  
DFT "C4'" "H4'"  sing N N 86  
DFT "O4'" "C1'"  sing N N 87  
DFT "C3'" "O3'"  sing N N 88  
DFT "C3'" "C2'"  sing N N 89  
DFT "C3'" "H3'"  sing N N 90  
DFT "O3'" "HO3'" sing N N 91  
DFT "C2'" "C1'"  sing N N 92  
DFT "C2'" "H2'"  sing N N 93  
DFT "C2'" "H2''" sing N N 94  
DFT "C1'" C1     sing N N 95  
DFT "C1'" "H1'"  sing N N 96  
DFT C2    C3     doub Y N 97  
DFT C2    F2     sing N N 98  
DFT C2    C1     sing Y N 99  
DFT C4    C5     doub Y N 100 
DFT C4    F4     sing N N 101 
DFT C4    C3     sing Y N 102 
DFT C5    C5M    sing N N 103 
DFT C5    C6     sing Y N 104 
DFT C5M   H71    sing N N 105 
DFT C5M   H72    sing N N 106 
DFT C5M   H73    sing N N 107 
DFT C6    C1     doub Y N 108 
DFT C6    H6     sing N N 109 
DFT C3    H3     sing N N 110 
DG  OP3   P      sing N N 111 
DG  OP3   HOP3   sing N N 112 
DG  P     OP1    doub N N 113 
DG  P     OP2    sing N N 114 
DG  P     "O5'"  sing N N 115 
DG  OP2   HOP2   sing N N 116 
DG  "O5'" "C5'"  sing N N 117 
DG  "C5'" "C4'"  sing N N 118 
DG  "C5'" "H5'"  sing N N 119 
DG  "C5'" "H5''" sing N N 120 
DG  "C4'" "O4'"  sing N N 121 
DG  "C4'" "C3'"  sing N N 122 
DG  "C4'" "H4'"  sing N N 123 
DG  "O4'" "C1'"  sing N N 124 
DG  "C3'" "O3'"  sing N N 125 
DG  "C3'" "C2'"  sing N N 126 
DG  "C3'" "H3'"  sing N N 127 
DG  "O3'" "HO3'" sing N N 128 
DG  "C2'" "C1'"  sing N N 129 
DG  "C2'" "H2'"  sing N N 130 
DG  "C2'" "H2''" sing N N 131 
DG  "C1'" N9     sing N N 132 
DG  "C1'" "H1'"  sing N N 133 
DG  N9    C8     sing Y N 134 
DG  N9    C4     sing Y N 135 
DG  C8    N7     doub Y N 136 
DG  C8    H8     sing N N 137 
DG  N7    C5     sing Y N 138 
DG  C5    C6     sing N N 139 
DG  C5    C4     doub Y N 140 
DG  C6    O6     doub N N 141 
DG  C6    N1     sing N N 142 
DG  N1    C2     sing N N 143 
DG  N1    H1     sing N N 144 
DG  C2    N2     sing N N 145 
DG  C2    N3     doub N N 146 
DG  N2    H21    sing N N 147 
DG  N2    H22    sing N N 148 
DG  N3    C4     sing N N 149 
DT  OP3   P      sing N N 150 
DT  OP3   HOP3   sing N N 151 
DT  P     OP1    doub N N 152 
DT  P     OP2    sing N N 153 
DT  P     "O5'"  sing N N 154 
DT  OP2   HOP2   sing N N 155 
DT  "O5'" "C5'"  sing N N 156 
DT  "C5'" "C4'"  sing N N 157 
DT  "C5'" "H5'"  sing N N 158 
DT  "C5'" "H5''" sing N N 159 
DT  "C4'" "O4'"  sing N N 160 
DT  "C4'" "C3'"  sing N N 161 
DT  "C4'" "H4'"  sing N N 162 
DT  "O4'" "C1'"  sing N N 163 
DT  "C3'" "O3'"  sing N N 164 
DT  "C3'" "C2'"  sing N N 165 
DT  "C3'" "H3'"  sing N N 166 
DT  "O3'" "HO3'" sing N N 167 
DT  "C2'" "C1'"  sing N N 168 
DT  "C2'" "H2'"  sing N N 169 
DT  "C2'" "H2''" sing N N 170 
DT  "C1'" N1     sing N N 171 
DT  "C1'" "H1'"  sing N N 172 
DT  N1    C2     sing N N 173 
DT  N1    C6     sing N N 174 
DT  C2    O2     doub N N 175 
DT  C2    N3     sing N N 176 
DT  N3    C4     sing N N 177 
DT  N3    H3     sing N N 178 
DT  C4    O4     doub N N 179 
DT  C4    C5     sing N N 180 
DT  C5    C7     sing N N 181 
DT  C5    C6     doub N N 182 
DT  C7    H71    sing N N 183 
DT  C7    H72    sing N N 184 
DT  C7    H73    sing N N 185 
DT  C6    H6     sing N N 186 
MBZ P     OP1    doub N N 187 
MBZ P     OP2    sing N N 188 
MBZ P     OP3    sing N N 189 
MBZ P     "O5'"  sing N N 190 
MBZ OP2   HOP2   sing N N 191 
MBZ OP3   HOP3   sing N N 192 
MBZ "O5'" "C5'"  sing N N 193 
MBZ "O3'" "C3'"  sing N N 194 
MBZ "O3'" "HO'3" sing N N 195 
MBZ "C1'" "C2'"  sing N N 196 
MBZ "C1'" "O4'"  sing N N 197 
MBZ "C1'" N1     sing N N 198 
MBZ "C1'" "H1'"  sing N N 199 
MBZ "C2'" "C3'"  sing N N 200 
MBZ "C2'" "H2'"  sing N N 201 
MBZ "C2'" "H2''" sing N N 202 
MBZ "C3'" "C4'"  sing N N 203 
MBZ "C3'" "H3'"  sing N N 204 
MBZ "C4'" "C5'"  sing N N 205 
MBZ "C4'" "O4'"  sing N N 206 
MBZ "C4'" "H4'"  sing N N 207 
MBZ "C5'" "H5'"  sing N N 208 
MBZ "C5'" "H5''" sing N N 209 
MBZ C5M   C6     sing N N 210 
MBZ C5M   H71    sing N N 211 
MBZ C5M   H72    sing N N 212 
MBZ C5M   H73    sing N N 213 
MBZ C6    C7     sing Y N 214 
MBZ C6    C12    doub Y N 215 
MBZ C7    N7     sing Y N 216 
MBZ C7    C9     doub Y N 217 
MBZ N7    C8     doub Y N 218 
MBZ C8    N1     sing Y N 219 
MBZ C8    H8     sing N N 220 
MBZ N1    C9     sing Y N 221 
MBZ C9    C10    sing Y N 222 
MBZ C10   C11    doub Y N 223 
MBZ C10   H10    sing N N 224 
MBZ C11   C12    sing Y N 225 
MBZ C11   H11    sing N N 226 
MBZ C12   H12    sing N N 227 
# 
loop_
_ndb_struct_conf_na.entry_id 
_ndb_struct_conf_na.feature 
1EEK 'double helix'         
1EEK 'b-form double helix'  
1EEK 'mismatched base pair' 
# 
loop_
_ndb_struct_na_base_pair.model_number 
_ndb_struct_na_base_pair.i_label_asym_id 
_ndb_struct_na_base_pair.i_label_comp_id 
_ndb_struct_na_base_pair.i_label_seq_id 
_ndb_struct_na_base_pair.i_symmetry 
_ndb_struct_na_base_pair.j_label_asym_id 
_ndb_struct_na_base_pair.j_label_comp_id 
_ndb_struct_na_base_pair.j_label_seq_id 
_ndb_struct_na_base_pair.j_symmetry 
_ndb_struct_na_base_pair.shear 
_ndb_struct_na_base_pair.stretch 
_ndb_struct_na_base_pair.stagger 
_ndb_struct_na_base_pair.buckle 
_ndb_struct_na_base_pair.propeller 
_ndb_struct_na_base_pair.opening 
_ndb_struct_na_base_pair.pair_number 
_ndb_struct_na_base_pair.pair_name 
_ndb_struct_na_base_pair.i_auth_asym_id 
_ndb_struct_na_base_pair.i_auth_seq_id 
_ndb_struct_na_base_pair.i_PDB_ins_code 
_ndb_struct_na_base_pair.j_auth_asym_id 
_ndb_struct_na_base_pair.j_auth_seq_id 
_ndb_struct_na_base_pair.j_PDB_ins_code 
_ndb_struct_na_base_pair.hbond_type_28 
_ndb_struct_na_base_pair.hbond_type_12 
1 A DC 1  1_555 B DG 12 1_555 0.352  -0.115 -0.165 20.698 -25.110 -0.926 1  1_DC1:DG12_2 1 1  ? 2 12 ? 19 1 
1 A DG 2  1_555 B DC 11 1_555 -0.591 -0.265 0.193  -0.026 -11.244 -1.656 2  1_DG2:DC11_2 1 2  ? 2 11 ? 19 1 
1 A DC 3  1_555 B DG 10 1_555 0.479  -0.198 0.176  -5.540 -12.167 -1.156 3  1_DC3:DG10_2 1 3  ? 2 10 ? 19 1 
1 A DA 4  1_555 B DT 9  1_555 0.235  -0.082 0.320  -5.841 -5.014  -1.706 4  1_DA4:DT9_2  1 4  ? 2 9  ? 20 1 
1 A DT 5  1_555 B DA 8  1_555 -0.397 -0.146 0.562  1.424  -10.434 -1.895 5  1_DT5:DA8_2  1 5  ? 2 8  ? 20 1 
1 A DG 7  1_555 B DC 6  1_555 -0.465 -0.236 -0.329 -5.607 -4.594  -2.043 6  1_DG7:DC6_2  1 7  ? 2 6  ? 19 1 
1 A DT 8  1_555 B DA 5  1_555 -0.244 -0.089 0.264  -6.276 -10.573 -2.336 7  1_DT8:DA5_2  1 8  ? 2 5  ? 20 1 
1 A DT 9  1_555 B DA 4  1_555 -0.016 -0.110 -0.011 -2.821 -15.481 -1.289 8  1_DT9:DA4_2  1 9  ? 2 4  ? 20 1 
1 A DA 10 1_555 B DT 3  1_555 0.054  -0.096 0.322  8.408  -10.135 -2.727 9  1_DA10:DT3_2 1 10 ? 2 3  ? 20 1 
1 A DC 11 1_555 B DG 2  1_555 0.299  -0.160 -0.190 12.919 -14.851 -1.655 10 1_DC11:DG2_2 1 11 ? 2 2  ? 19 1 
1 A DC 12 1_555 B DG 1  1_555 0.555  -0.244 0.375  -5.458 -12.276 -1.986 11 1_DC12:DG1_2 1 12 ? 2 1  ? 19 1 
# 
loop_
_ndb_struct_na_base_pair_step.model_number 
_ndb_struct_na_base_pair_step.i_label_asym_id_1 
_ndb_struct_na_base_pair_step.i_label_comp_id_1 
_ndb_struct_na_base_pair_step.i_label_seq_id_1 
_ndb_struct_na_base_pair_step.i_symmetry_1 
_ndb_struct_na_base_pair_step.j_label_asym_id_1 
_ndb_struct_na_base_pair_step.j_label_comp_id_1 
_ndb_struct_na_base_pair_step.j_label_seq_id_1 
_ndb_struct_na_base_pair_step.j_symmetry_1 
_ndb_struct_na_base_pair_step.i_label_asym_id_2 
_ndb_struct_na_base_pair_step.i_label_comp_id_2 
_ndb_struct_na_base_pair_step.i_label_seq_id_2 
_ndb_struct_na_base_pair_step.i_symmetry_2 
_ndb_struct_na_base_pair_step.j_label_asym_id_2 
_ndb_struct_na_base_pair_step.j_label_comp_id_2 
_ndb_struct_na_base_pair_step.j_label_seq_id_2 
_ndb_struct_na_base_pair_step.j_symmetry_2 
_ndb_struct_na_base_pair_step.shift 
_ndb_struct_na_base_pair_step.slide 
_ndb_struct_na_base_pair_step.rise 
_ndb_struct_na_base_pair_step.tilt 
_ndb_struct_na_base_pair_step.roll 
_ndb_struct_na_base_pair_step.twist 
_ndb_struct_na_base_pair_step.x_displacement 
_ndb_struct_na_base_pair_step.y_displacement 
_ndb_struct_na_base_pair_step.helical_rise 
_ndb_struct_na_base_pair_step.inclination 
_ndb_struct_na_base_pair_step.tip 
_ndb_struct_na_base_pair_step.helical_twist 
_ndb_struct_na_base_pair_step.step_number 
_ndb_struct_na_base_pair_step.step_name 
_ndb_struct_na_base_pair_step.i_auth_asym_id_1 
_ndb_struct_na_base_pair_step.i_auth_seq_id_1 
_ndb_struct_na_base_pair_step.i_PDB_ins_code_1 
_ndb_struct_na_base_pair_step.j_auth_asym_id_1 
_ndb_struct_na_base_pair_step.j_auth_seq_id_1 
_ndb_struct_na_base_pair_step.j_PDB_ins_code_1 
_ndb_struct_na_base_pair_step.i_auth_asym_id_2 
_ndb_struct_na_base_pair_step.i_auth_seq_id_2 
_ndb_struct_na_base_pair_step.i_PDB_ins_code_2 
_ndb_struct_na_base_pair_step.j_auth_asym_id_2 
_ndb_struct_na_base_pair_step.j_auth_seq_id_2 
_ndb_struct_na_base_pair_step.j_PDB_ins_code_2 
1 A DC 1  1_555 B DG 12 1_555 A DG 2  1_555 B DC 11 1_555 -0.149 -0.915 3.345 -5.456 15.099 32.874 -3.495 -0.496 2.677 24.915 
9.002  36.487 1  11_DC1DG2:DC11DG12_22 1 1  ? 2 12 ? 1 2  ? 2 11 ? 
1 A DG 2  1_555 B DC 11 1_555 A DC 3  1_555 B DG 10 1_555 0.174  -0.630 3.191 0.830  3.682  43.238 -1.198 -0.158 3.132 4.986  
-1.124 43.394 2  11_DG2DC3:DG10DC11_22 1 2  ? 2 11 ? 1 3  ? 2 10 ? 
1 A DC 3  1_555 B DG 10 1_555 A DA 4  1_555 B DT 9  1_555 -0.319 -1.363 2.925 -1.369 9.566  31.181 -3.821 0.368  2.424 17.284 
2.474  32.609 3  11_DC3DA4:DT9DG10_22  1 3  ? 2 10 ? 1 4  ? 2 9  ? 
1 A DA 4  1_555 B DT 9  1_555 A DT 5  1_555 B DA 8  1_555 -0.401 -0.720 2.983 -2.614 -1.475 33.365 -1.025 0.300  3.033 -2.563 
4.542  33.496 4  11_DA4DT5:DA8DT9_22   1 4  ? 2 9  ? 1 5  ? 2 8  ? 
1 A DT 5  1_555 B DA 8  1_555 A DG 7  1_555 B DC 6  1_555 0.931  0.515  6.802 4.842  -0.255 68.462 0.477  -0.450 6.845 -0.227 
-4.298 68.613 5  11_DT5DG7:DC6DA8_22   1 5  ? 2 8  ? 1 7  ? 2 6  ? 
1 A DG 7  1_555 B DC 6  1_555 A DT 8  1_555 B DA 5  1_555 -0.488 -1.462 3.283 -5.410 4.678  30.915 -3.523 -0.087 3.074 8.631  
9.981  31.711 6  11_DG7DT8:DA5DC6_22   1 7  ? 2 6  ? 1 8  ? 2 5  ? 
1 A DT 8  1_555 B DA 5  1_555 A DT 9  1_555 B DA 4  1_555 0.280  -0.719 2.938 4.354  4.840  38.730 -1.584 0.046  2.845 7.235  
-6.509 39.252 7  11_DT8DT9:DA4DA5_22   1 8  ? 2 5  ? 1 9  ? 2 4  ? 
1 A DT 9  1_555 B DA 4  1_555 A DA 10 1_555 B DT 3  1_555 -0.022 -1.056 2.724 -2.834 12.316 26.254 -4.168 -0.431 2.027 25.332 
5.828  29.089 8  11_DT9DA10:DT3DA4_22  1 9  ? 2 4  ? 1 10 ? 2 3  ? 
1 A DA 10 1_555 B DT 3  1_555 A DC 11 1_555 B DG 2  1_555 -0.375 -0.651 2.974 1.737  0.887  38.952 -1.072 0.751  2.940 1.330  
-2.603 38.999 9  11_DA10DC11:DG2DT3_22 1 10 ? 2 3  ? 1 11 ? 2 2  ? 
1 A DC 11 1_555 B DG 2  1_555 A DC 12 1_555 B DG 1  1_555 0.863  -1.550 3.543 -3.473 2.442  33.117 -3.125 -2.109 3.318 4.262  
6.062  33.380 10 11_DC11DC12:DG1DG2_22 1 11 ? 2 2  ? 1 12 ? 2 1  ? 
# 
_pdbx_nmr_spectrometer.spectrometer_id   1 
_pdbx_nmr_spectrometer.type              ? 
_pdbx_nmr_spectrometer.manufacturer      Varian 
_pdbx_nmr_spectrometer.model             UNITY 
_pdbx_nmr_spectrometer.field_strength    500 
# 
_atom_sites.entry_id                    1EEK 
_atom_sites.fract_transf_matrix[1][1]   1.000000 
_atom_sites.fract_transf_matrix[1][2]   0.000000 
_atom_sites.fract_transf_matrix[1][3]   0.000000 
_atom_sites.fract_transf_matrix[2][1]   0.000000 
_atom_sites.fract_transf_matrix[2][2]   1.000000 
_atom_sites.fract_transf_matrix[2][3]   0.000000 
_atom_sites.fract_transf_matrix[3][1]   0.000000 
_atom_sites.fract_transf_matrix[3][2]   0.000000 
_atom_sites.fract_transf_matrix[3][3]   1.000000 
_atom_sites.fract_transf_vector[1]      0.00000 
_atom_sites.fract_transf_vector[2]      0.00000 
_atom_sites.fract_transf_vector[3]      0.00000 
# 
loop_
_atom_type.symbol 
C 
F 
H 
N 
O 
P 
# 
loop_
_atom_site.group_PDB 
_atom_site.id 
_atom_site.type_symbol 
_atom_site.label_atom_id 
_atom_site.label_alt_id 
_atom_site.label_comp_id 
_atom_site.label_asym_id 
_atom_site.label_entity_id 
_atom_site.label_seq_id 
_atom_site.pdbx_PDB_ins_code 
_atom_site.Cartn_x 
_atom_site.Cartn_y 
_atom_site.Cartn_z 
_atom_site.occupancy 
_atom_site.B_iso_or_equiv 
_atom_site.pdbx_formal_charge 
_atom_site.auth_seq_id 
_atom_site.auth_comp_id 
_atom_site.auth_asym_id 
_atom_site.auth_atom_id 
_atom_site.pdbx_PDB_model_num 
ATOM   1   O "O5'"  . DC  A 1 1  ? -5.005  9.934   17.195  1.00 0.00 ? 1  DC  1 "O5'"  1 
ATOM   2   C "C5'"  . DC  A 1 1  ? -4.976  10.622  15.963  1.00 0.00 ? 1  DC  1 "C5'"  1 
ATOM   3   C "C4'"  . DC  A 1 1  ? -3.550  10.892  15.442  1.00 0.00 ? 1  DC  1 "C4'"  1 
ATOM   4   O "O4'"  . DC  A 1 1  ? -2.644  9.829   15.707  1.00 0.00 ? 1  DC  1 "O4'"  1 
ATOM   5   C "C3'"  . DC  A 1 1  ? -3.598  11.043  13.910  1.00 0.00 ? 1  DC  1 "C3'"  1 
ATOM   6   O "O3'"  . DC  A 1 1  ? -2.915  12.215  13.505  1.00 0.00 ? 1  DC  1 "O3'"  1 
ATOM   7   C "C2'"  . DC  A 1 1  ? -2.922  9.765   13.424  1.00 0.00 ? 1  DC  1 "C2'"  1 
ATOM   8   C "C1'"  . DC  A 1 1  ? -1.892  9.600   14.533  1.00 0.00 ? 1  DC  1 "C1'"  1 
ATOM   9   N N1     . DC  A 1 1  ? -1.234  8.267   14.583  1.00 0.00 ? 1  DC  1 N1     1 
ATOM   10  C C2     . DC  A 1 1  ? 0.112   8.206   14.977  1.00 0.00 ? 1  DC  1 C2     1 
ATOM   11  O O2     . DC  A 1 1  ? 0.766   9.226   15.185  1.00 0.00 ? 1  DC  1 O2     1 
ATOM   12  N N3     . DC  A 1 1  ? 0.683   6.975   15.132  1.00 0.00 ? 1  DC  1 N3     1 
ATOM   13  C C4     . DC  A 1 1  ? -0.004  5.839   14.915  1.00 0.00 ? 1  DC  1 C4     1 
ATOM   14  N N4     . DC  A 1 1  ? 0.624   4.674   15.099  1.00 0.00 ? 1  DC  1 N4     1 
ATOM   15  C C5     . DC  A 1 1  ? -1.389  5.876   14.513  1.00 0.00 ? 1  DC  1 C5     1 
ATOM   16  C C6     . DC  A 1 1  ? -1.953  7.105   14.369  1.00 0.00 ? 1  DC  1 C6     1 
ATOM   17  H "H5'"  . DC  A 1 1  ? -5.472  11.583  16.107  1.00 0.00 ? 1  DC  1 "H5'"  1 
ATOM   18  H "H5''" . DC  A 1 1  ? -5.552  10.050  15.233  1.00 0.00 ? 1  DC  1 "H5''" 1 
ATOM   19  H "H4'"  . DC  A 1 1  ? -3.151  11.789  15.924  1.00 0.00 ? 1  DC  1 "H4'"  1 
ATOM   20  H "H3'"  . DC  A 1 1  ? -4.620  11.068  13.535  1.00 0.00 ? 1  DC  1 "H3'"  1 
ATOM   21  H "H2'"  . DC  A 1 1  ? -3.673  8.976   13.423  1.00 0.00 ? 1  DC  1 "H2'"  1 
ATOM   22  H "H2''" . DC  A 1 1  ? -2.472  9.824   12.438  1.00 0.00 ? 1  DC  1 "H2''" 1 
ATOM   23  H "H1'"  . DC  A 1 1  ? -1.157  10.400  14.400  1.00 0.00 ? 1  DC  1 "H1'"  1 
ATOM   24  H H41    . DC  A 1 1  ? 1.593   4.682   15.377  1.00 0.00 ? 1  DC  1 H41    1 
ATOM   25  H H42    . DC  A 1 1  ? 0.150   3.797   14.939  1.00 0.00 ? 1  DC  1 H42    1 
ATOM   26  H H5     . DC  A 1 1  ? -1.981  4.989   14.344  1.00 0.00 ? 1  DC  1 H5     1 
ATOM   27  H H6     . DC  A 1 1  ? -2.994  7.175   14.094  1.00 0.00 ? 1  DC  1 H6     1 
ATOM   28  H "HO5'" . DC  A 1 1  ? -4.239  9.358   17.248  1.00 0.00 ? 1  DC  1 "HO5'" 1 
ATOM   29  P P      . DG  A 1 2  ? -2.870  12.687  11.961  1.00 0.00 ? 2  DG  1 P      1 
ATOM   30  O OP1    . DG  A 1 2  ? -3.086  14.150  11.926  1.00 0.00 ? 2  DG  1 OP1    1 
ATOM   31  O OP2    . DG  A 1 2  ? -3.740  11.795  11.159  1.00 0.00 ? 2  DG  1 OP2    1 
ATOM   32  O "O5'"  . DG  A 1 2  ? -1.335  12.379  11.572  1.00 0.00 ? 2  DG  1 "O5'"  1 
ATOM   33  C "C5'"  . DG  A 1 2  ? -0.282  13.193  12.058  1.00 0.00 ? 2  DG  1 "C5'"  1 
ATOM   34  C "C4'"  . DG  A 1 2  ? 1.077   12.735  11.523  1.00 0.00 ? 2  DG  1 "C4'"  1 
ATOM   35  O "O4'"  . DG  A 1 2  ? 1.387   11.462  12.058  1.00 0.00 ? 2  DG  1 "O4'"  1 
ATOM   36  C "C3'"  . DG  A 1 2  ? 1.110   12.617  9.986   1.00 0.00 ? 2  DG  1 "C3'"  1 
ATOM   37  O "O3'"  . DG  A 1 2  ? 2.354   13.121  9.519   1.00 0.00 ? 2  DG  1 "O3'"  1 
ATOM   38  C "C2'"  . DG  A 1 2  ? 0.978   11.109  9.786   1.00 0.00 ? 2  DG  1 "C2'"  1 
ATOM   39  C "C1'"  . DG  A 1 2  ? 1.777   10.633  10.989  1.00 0.00 ? 2  DG  1 "C1'"  1 
ATOM   40  N N9     . DG  A 1 2  ? 1.495   9.230   11.327  1.00 0.00 ? 2  DG  1 N9     1 
ATOM   41  C C8     . DG  A 1 2  ? 0.293   8.608   11.548  1.00 0.00 ? 2  DG  1 C8     1 
ATOM   42  N N7     . DG  A 1 2  ? 0.394   7.359   11.901  1.00 0.00 ? 2  DG  1 N7     1 
ATOM   43  C C5     . DG  A 1 2  ? 1.764   7.136   11.916  1.00 0.00 ? 2  DG  1 C5     1 
ATOM   44  C C6     . DG  A 1 2  ? 2.504   5.948   12.199  1.00 0.00 ? 2  DG  1 C6     1 
ATOM   45  O O6     . DG  A 1 2  ? 2.052   4.867   12.552  1.00 0.00 ? 2  DG  1 O6     1 
ATOM   46  N N1     . DG  A 1 2  ? 3.885   6.105   12.009  1.00 0.00 ? 2  DG  1 N1     1 
ATOM   47  C C2     . DG  A 1 2  ? 4.483   7.286   11.578  1.00 0.00 ? 2  DG  1 C2     1 
ATOM   48  N N2     . DG  A 1 2  ? 5.796   7.282   11.332  1.00 0.00 ? 2  DG  1 N2     1 
ATOM   49  N N3     . DG  A 1 2  ? 3.785   8.409   11.340  1.00 0.00 ? 2  DG  1 N3     1 
ATOM   50  C C4     . DG  A 1 2  ? 2.441   8.268   11.524  1.00 0.00 ? 2  DG  1 C4     1 
ATOM   51  H "H5'"  . DG  A 1 2  ? -0.263  13.171  13.149  1.00 0.00 ? 2  DG  1 "H5'"  1 
ATOM   52  H "H5''" . DG  A 1 2  ? -0.441  14.220  11.725  1.00 0.00 ? 2  DG  1 "H5''" 1 
ATOM   53  H "H4'"  . DG  A 1 2  ? 1.829   13.444  11.876  1.00 0.00 ? 2  DG  1 "H4'"  1 
ATOM   54  H "H3'"  . DG  A 1 2  ? 0.287   13.156  9.513   1.00 0.00 ? 2  DG  1 "H3'"  1 
ATOM   55  H "H2'"  . DG  A 1 2  ? -0.068  10.812  9.864   1.00 0.00 ? 2  DG  1 "H2'"  1 
ATOM   56  H "H2''" . DG  A 1 2  ? 1.384   10.742  8.845   1.00 0.00 ? 2  DG  1 "H2''" 1 
ATOM   57  H "H1'"  . DG  A 1 2  ? 2.842   10.786  10.796  1.00 0.00 ? 2  DG  1 "H1'"  1 
ATOM   58  H H8     . DG  A 1 2  ? -0.653  9.110   11.437  1.00 0.00 ? 2  DG  1 H8     1 
ATOM   59  H H1     . DG  A 1 2  ? 4.467   5.301   12.176  1.00 0.00 ? 2  DG  1 H1     1 
ATOM   60  H H21    . DG  A 1 2  ? 6.331   6.439   11.451  1.00 0.00 ? 2  DG  1 H21    1 
ATOM   61  H H22    . DG  A 1 2  ? 6.234   8.108   10.952  1.00 0.00 ? 2  DG  1 H22    1 
ATOM   62  P P      . DC  A 1 3  ? 2.795   13.088  7.962   1.00 0.00 ? 3  DC  1 P      1 
ATOM   63  O OP1    . DC  A 1 3  ? 3.593   14.305  7.692   1.00 0.00 ? 3  DC  1 OP1    1 
ATOM   64  O OP2    . DC  A 1 3  ? 1.605   12.792  7.133   1.00 0.00 ? 3  DC  1 OP2    1 
ATOM   65  O "O5'"  . DC  A 1 3  ? 3.786   11.809  7.903   1.00 0.00 ? 3  DC  1 "O5'"  1 
ATOM   66  C "C5'"  . DC  A 1 3  ? 5.062   11.834  8.526   1.00 0.00 ? 3  DC  1 "C5'"  1 
ATOM   67  C "C4'"  . DC  A 1 3  ? 5.867   10.562  8.232   1.00 0.00 ? 3  DC  1 "C4'"  1 
ATOM   68  O "O4'"  . DC  A 1 3  ? 5.208   9.447   8.802   1.00 0.00 ? 3  DC  1 "O4'"  1 
ATOM   69  C "C3'"  . DC  A 1 3  ? 6.033   10.288  6.724   1.00 0.00 ? 3  DC  1 "C3'"  1 
ATOM   70  O "O3'"  . DC  A 1 3  ? 7.355   9.823   6.482   1.00 0.00 ? 3  DC  1 "O3'"  1 
ATOM   71  C "C2'"  . DC  A 1 3  ? 4.984   9.204   6.485   1.00 0.00 ? 3  DC  1 "C2'"  1 
ATOM   72  C "C1'"  . DC  A 1 3  ? 5.101   8.451   7.808   1.00 0.00 ? 3  DC  1 "C1'"  1 
ATOM   73  N N1     . DC  A 1 3  ? 3.938   7.573   8.103   1.00 0.00 ? 3  DC  1 N1     1 
ATOM   74  C C2     . DC  A 1 3  ? 4.189   6.270   8.552   1.00 0.00 ? 3  DC  1 C2     1 
ATOM   75  O O2     . DC  A 1 3  ? 5.332   5.832   8.624   1.00 0.00 ? 3  DC  1 O2     1 
ATOM   76  N N3     . DC  A 1 3  ? 3.126   5.504   8.934   1.00 0.00 ? 3  DC  1 N3     1 
ATOM   77  C C4     . DC  A 1 3  ? 1.867   5.970   8.894   1.00 0.00 ? 3  DC  1 C4     1 
ATOM   78  N N4     . DC  A 1 3  ? 0.903   5.211   9.419   1.00 0.00 ? 3  DC  1 N4     1 
ATOM   79  C C5     . DC  A 1 3  ? 1.583   7.310   8.449   1.00 0.00 ? 3  DC  1 C5     1 
ATOM   80  C C6     . DC  A 1 3  ? 2.647   8.068   8.075   1.00 0.00 ? 3  DC  1 C6     1 
ATOM   81  H "H5'"  . DC  A 1 3  ? 4.945   11.939  9.605   1.00 0.00 ? 3  DC  1 "H5'"  1 
ATOM   82  H "H5''" . DC  A 1 3  ? 5.638   12.678  8.147   1.00 0.00 ? 3  DC  1 "H5''" 1 
ATOM   83  H "H4'"  . DC  A 1 3  ? 6.841   10.663  8.714   1.00 0.00 ? 3  DC  1 "H4'"  1 
ATOM   84  H "H3'"  . DC  A 1 3  ? 5.832   11.173  6.119   1.00 0.00 ? 3  DC  1 "H3'"  1 
ATOM   85  H "H2'"  . DC  A 1 3  ? 4.008   9.667   6.353   1.00 0.00 ? 3  DC  1 "H2'"  1 
ATOM   86  H "H2''" . DC  A 1 3  ? 5.192   8.573   5.626   1.00 0.00 ? 3  DC  1 "H2''" 1 
ATOM   87  H "H1'"  . DC  A 1 3  ? 6.048   7.907   7.784   1.00 0.00 ? 3  DC  1 "H1'"  1 
ATOM   88  H H41    . DC  A 1 3  ? 1.154   4.307   9.787   1.00 0.00 ? 3  DC  1 H41    1 
ATOM   89  H H42    . DC  A 1 3  ? -0.031  5.571   9.545   1.00 0.00 ? 3  DC  1 H42    1 
ATOM   90  H H5     . DC  A 1 3  ? 0.589   7.733   8.428   1.00 0.00 ? 3  DC  1 H5     1 
ATOM   91  H H6     . DC  A 1 3  ? 2.471   9.087   7.776   1.00 0.00 ? 3  DC  1 H6     1 
ATOM   92  P P      . DA  A 1 4  ? 7.870   9.337   5.027   1.00 0.00 ? 4  DA  1 P      1 
ATOM   93  O OP1    . DA  A 1 4  ? 9.297   9.711   4.904   1.00 0.00 ? 4  DA  1 OP1    1 
ATOM   94  O OP2    . DA  A 1 4  ? 6.904   9.790   4.001   1.00 0.00 ? 4  DA  1 OP2    1 
ATOM   95  O "O5'"  . DA  A 1 4  ? 7.774   7.724   5.137   1.00 0.00 ? 4  DA  1 "O5'"  1 
ATOM   96  C "C5'"  . DA  A 1 4  ? 8.677   6.987   5.947   1.00 0.00 ? 4  DA  1 "C5'"  1 
ATOM   97  C "C4'"  . DA  A 1 4  ? 8.493   5.476   5.782   1.00 0.00 ? 4  DA  1 "C4'"  1 
ATOM   98  O "O4'"  . DA  A 1 4  ? 7.249   5.064   6.313   1.00 0.00 ? 4  DA  1 "O4'"  1 
ATOM   99  C "C3'"  . DA  A 1 4  ? 8.552   5.005   4.314   1.00 0.00 ? 4  DA  1 "C3'"  1 
ATOM   100 O "O3'"  . DA  A 1 4  ? 9.579   4.032   4.199   1.00 0.00 ? 4  DA  1 "O3'"  1 
ATOM   101 C "C2'"  . DA  A 1 4  ? 7.147   4.448   4.082   1.00 0.00 ? 4  DA  1 "C2'"  1 
ATOM   102 C "C1'"  . DA  A 1 4  ? 6.759   4.029   5.491   1.00 0.00 ? 4  DA  1 "C1'"  1 
ATOM   103 N N9     . DA  A 1 4  ? 5.300   3.942   5.664   1.00 0.00 ? 4  DA  1 N9     1 
ATOM   104 C C8     . DA  A 1 4  ? 4.366   4.937   5.535   1.00 0.00 ? 4  DA  1 C8     1 
ATOM   105 N N7     . DA  A 1 4  ? 3.184   4.630   5.982   1.00 0.00 ? 4  DA  1 N7     1 
ATOM   106 C C5     . DA  A 1 4  ? 3.338   3.320   6.411   1.00 0.00 ? 4  DA  1 C5     1 
ATOM   107 C C6     . DA  A 1 4  ? 2.469   2.399   7.040   1.00 0.00 ? 4  DA  1 C6     1 
ATOM   108 N N6     . DA  A 1 4  ? 1.256   2.734   7.487   1.00 0.00 ? 4  DA  1 N6     1 
ATOM   109 N N1     . DA  A 1 4  ? 2.904   1.132   7.237   1.00 0.00 ? 4  DA  1 N1     1 
ATOM   110 C C2     . DA  A 1 4  ? 4.153   0.803   6.894   1.00 0.00 ? 4  DA  1 C2     1 
ATOM   111 N N3     . DA  A 1 4  ? 5.090   1.598   6.368   1.00 0.00 ? 4  DA  1 N3     1 
ATOM   112 C C4     . DA  A 1 4  ? 4.611   2.863   6.148   1.00 0.00 ? 4  DA  1 C4     1 
ATOM   113 H "H5'"  . DA  A 1 4  ? 8.540   7.255   6.996   1.00 0.00 ? 4  DA  1 "H5'"  1 
ATOM   114 H "H5''" . DA  A 1 4  ? 9.702   7.218   5.653   1.00 0.00 ? 4  DA  1 "H5''" 1 
ATOM   115 H "H4'"  . DA  A 1 4  ? 9.263   4.980   6.377   1.00 0.00 ? 4  DA  1 "H4'"  1 
ATOM   116 H "H3'"  . DA  A 1 4  ? 8.755   5.823   3.620   1.00 0.00 ? 4  DA  1 "H3'"  1 
ATOM   117 H "H2'"  . DA  A 1 4  ? 6.496   5.246   3.724   1.00 0.00 ? 4  DA  1 "H2'"  1 
ATOM   118 H "H2''" . DA  A 1 4  ? 7.096   3.614   3.387   1.00 0.00 ? 4  DA  1 "H2''" 1 
ATOM   119 H "H1'"  . DA  A 1 4  ? 7.250   3.087   5.744   1.00 0.00 ? 4  DA  1 "H1'"  1 
ATOM   120 H H8     . DA  A 1 4  ? 4.606   5.903   5.127   1.00 0.00 ? 4  DA  1 H8     1 
ATOM   121 H H61    . DA  A 1 4  ? 0.703   2.039   7.960   1.00 0.00 ? 4  DA  1 H61    1 
ATOM   122 H H62    . DA  A 1 4  ? 0.920   3.683   7.410   1.00 0.00 ? 4  DA  1 H62    1 
ATOM   123 H H2     . DA  A 1 4  ? 4.427   -0.231  7.036   1.00 0.00 ? 4  DA  1 H2     1 
ATOM   124 P P      . DT  A 1 5  ? 9.841   3.165   2.862   1.00 0.00 ? 5  DT  1 P      1 
ATOM   125 O OP1    . DT  A 1 5  ? 11.293  2.907   2.754   1.00 0.00 ? 5  DT  1 OP1    1 
ATOM   126 O OP2    . DT  A 1 5  ? 9.114   3.782   1.728   1.00 0.00 ? 5  DT  1 OP2    1 
ATOM   127 O "O5'"  . DT  A 1 5  ? 9.104   1.783   3.251   1.00 0.00 ? 5  DT  1 "O5'"  1 
ATOM   128 C "C5'"  . DT  A 1 5  ? 9.536   1.007   4.359   1.00 0.00 ? 5  DT  1 "C5'"  1 
ATOM   129 C "C4'"  . DT  A 1 5  ? 8.840   -0.355  4.364   1.00 0.00 ? 5  DT  1 "C4'"  1 
ATOM   130 O "O4'"  . DT  A 1 5  ? 7.462   -0.182  4.624   1.00 0.00 ? 5  DT  1 "O4'"  1 
ATOM   131 C "C3'"  . DT  A 1 5  ? 8.988   -1.069  3.010   1.00 0.00 ? 5  DT  1 "C3'"  1 
ATOM   132 O "O3'"  . DT  A 1 5  ? 9.437   -2.392  3.234   1.00 0.00 ? 5  DT  1 "O3'"  1 
ATOM   133 C "C2'"  . DT  A 1 5  ? 7.576   -1.000  2.428   1.00 0.00 ? 5  DT  1 "C2'"  1 
ATOM   134 C "C1'"  . DT  A 1 5  ? 6.733   -0.958  3.699   1.00 0.00 ? 5  DT  1 "C1'"  1 
ATOM   135 N N1     . DT  A 1 5  ? 5.399   -0.325  3.526   1.00 0.00 ? 5  DT  1 N1     1 
ATOM   136 C C2     . DT  A 1 5  ? 4.298   -0.964  4.112   1.00 0.00 ? 5  DT  1 C2     1 
ATOM   137 O O2     . DT  A 1 5  ? 4.338   -2.091  4.605   1.00 0.00 ? 5  DT  1 O2     1 
ATOM   138 N N3     . DT  A 1 5  ? 3.123   -0.230  4.139   1.00 0.00 ? 5  DT  1 N3     1 
ATOM   139 C C4     . DT  A 1 5  ? 2.957   1.077   3.695   1.00 0.00 ? 5  DT  1 C4     1 
ATOM   140 O O4     . DT  A 1 5  ? 1.913   1.669   3.918   1.00 0.00 ? 5  DT  1 O4     1 
ATOM   141 C C5     . DT  A 1 5  ? 4.114   1.647   3.029   1.00 0.00 ? 5  DT  1 C5     1 
ATOM   142 C C7     . DT  A 1 5  ? 4.016   3.036   2.414   1.00 0.00 ? 5  DT  1 C7     1 
ATOM   143 C C6     . DT  A 1 5  ? 5.280   0.947   2.982   1.00 0.00 ? 5  DT  1 C6     1 
ATOM   144 H "H5'"  . DT  A 1 5  ? 9.322   1.530   5.293   1.00 0.00 ? 5  DT  1 "H5'"  1 
ATOM   145 H "H5''" . DT  A 1 5  ? 10.609  0.824   4.292   1.00 0.00 ? 5  DT  1 "H5''" 1 
ATOM   146 H "H4'"  . DT  A 1 5  ? 9.259   -0.953  5.176   1.00 0.00 ? 5  DT  1 "H4'"  1 
ATOM   147 H "H3'"  . DT  A 1 5  ? 9.699   -0.562  2.357   1.00 0.00 ? 5  DT  1 "H3'"  1 
ATOM   148 H "H2'"  . DT  A 1 5  ? 7.493   -0.086  1.842   1.00 0.00 ? 5  DT  1 "H2'"  1 
ATOM   149 H "H2''" . DT  A 1 5  ? 7.312   -1.849  1.799   1.00 0.00 ? 5  DT  1 "H2''" 1 
ATOM   150 H "H1'"  . DT  A 1 5  ? 6.679   -1.982  4.081   1.00 0.00 ? 5  DT  1 "H1'"  1 
ATOM   151 H H3     . DT  A 1 5  ? 2.348   -0.651  4.615   1.00 0.00 ? 5  DT  1 H3     1 
ATOM   152 H H71    . DT  A 1 5  ? 4.752   3.700   2.861   1.00 0.00 ? 5  DT  1 H71    1 
ATOM   153 H H72    . DT  A 1 5  ? 4.189   2.983   1.338   1.00 0.00 ? 5  DT  1 H72    1 
ATOM   154 H H73    . DT  A 1 5  ? 3.030   3.473   2.577   1.00 0.00 ? 5  DT  1 H73    1 
ATOM   155 H H6     . DT  A 1 5  ? 6.141   1.427   2.548   1.00 0.00 ? 5  DT  1 H6     1 
HETATM 156 P P      . DFT A 1 6  ? 9.757   -3.421  2.034   1.00 0.00 ? 6  DFT 1 P      1 
HETATM 157 O OP1    . DFT A 1 6  ? 11.009  -4.139  2.360   1.00 0.00 ? 6  DFT 1 OP1    1 
HETATM 158 O OP2    . DFT A 1 6  ? 9.620   -2.722  0.735   1.00 0.00 ? 6  DFT 1 OP2    1 
HETATM 159 O "O5'"  . DFT A 1 6  ? 8.522   -4.436  2.197   1.00 0.00 ? 6  DFT 1 "O5'"  1 
HETATM 160 C "C5'"  . DFT A 1 6  ? 8.400   -5.256  3.345   1.00 0.00 ? 6  DFT 1 "C5'"  1 
HETATM 161 C "C4'"  . DFT A 1 6  ? 7.137   -6.096  3.261   1.00 0.00 ? 6  DFT 1 "C4'"  1 
HETATM 162 O "O4'"  . DFT A 1 6  ? 5.977   -5.261  3.301   1.00 0.00 ? 6  DFT 1 "O4'"  1 
HETATM 163 C "C3'"  . DFT A 1 6  ? 7.067   -6.909  1.963   1.00 0.00 ? 6  DFT 1 "C3'"  1 
HETATM 164 O "O3'"  . DFT A 1 6  ? 6.612   -8.225  2.311   1.00 0.00 ? 6  DFT 1 "O3'"  1 
HETATM 165 C "C2'"  . DFT A 1 6  ? 6.089   -6.093  1.122   1.00 0.00 ? 6  DFT 1 "C2'"  1 
HETATM 166 C "C1'"  . DFT A 1 6  ? 5.152   -5.529  2.176   1.00 0.00 ? 6  DFT 1 "C1'"  1 
HETATM 167 C C2     . DFT A 1 6  ? 3.101   -4.034  2.245   1.00 0.00 ? 6  DFT 1 C2     1 
HETATM 168 C C4     . DFT A 1 6  ? 3.062   -1.853  1.162   1.00 0.00 ? 6  DFT 1 C4     1 
HETATM 169 C C5     . DFT A 1 6  ? 4.375   -2.050  0.683   1.00 0.00 ? 6  DFT 1 C5     1 
HETATM 170 C C5M    . DFT A 1 6  ? 5.040   -1.012  -0.212  1.00 0.00 ? 6  DFT 1 C5M    1 
HETATM 171 C C6     . DFT A 1 6  ? 5.054   -3.244  1.021   1.00 0.00 ? 6  DFT 1 C6     1 
HETATM 172 F F4     . DFT A 1 6  ? 2.414   -0.722  0.881   1.00 0.00 ? 6  DFT 1 F4     1 
HETATM 173 C C3     . DFT A 1 6  ? 2.425   -2.846  1.933   1.00 0.00 ? 6  DFT 1 C3     1 
HETATM 174 F F2     . DFT A 1 6  ? 2.496   -4.934  3.023   1.00 0.00 ? 6  DFT 1 F2     1 
HETATM 175 C C1     . DFT A 1 6  ? 4.393   -4.275  1.736   1.00 0.00 ? 6  DFT 1 C1     1 
HETATM 176 H "H5'"  . DFT A 1 6  ? 8.346   -4.652  4.252   1.00 0.00 ? 6  DFT 1 "H5'"  1 
HETATM 177 H "H5''" . DFT A 1 6  ? 9.249   -5.939  3.410   1.00 0.00 ? 6  DFT 1 "H5''" 1 
HETATM 178 H "H4'"  . DFT A 1 6  ? 7.093   -6.765  4.132   1.00 0.00 ? 6  DFT 1 "H4'"  1 
HETATM 179 H "H3'"  . DFT A 1 6  ? 8.047   -6.954  1.467   1.00 0.00 ? 6  DFT 1 "H3'"  1 
HETATM 180 H "H2'"  . DFT A 1 6  ? 6.635   -5.293  0.607   1.00 0.00 ? 6  DFT 1 "H2'"  1 
HETATM 181 H "H2''" . DFT A 1 6  ? 5.574   -6.715  0.388   1.00 0.00 ? 6  DFT 1 "H2''" 1 
HETATM 182 H "H1'"  . DFT A 1 6  ? 4.450   -6.325  2.463   1.00 0.00 ? 6  DFT 1 "H1'"  1 
HETATM 183 H H71    . DFT A 1 6  ? 5.579   -0.271  0.377   1.00 0.00 ? 6  DFT 1 H71    1 
HETATM 184 H H72    . DFT A 1 6  ? 5.735   -1.487  -0.907  1.00 0.00 ? 6  DFT 1 H72    1 
HETATM 185 H H73    . DFT A 1 6  ? 4.283   -0.499  -0.803  1.00 0.00 ? 6  DFT 1 H73    1 
HETATM 186 H H6     . DFT A 1 6  ? 6.093   -3.372  0.726   1.00 0.00 ? 6  DFT 1 H6     1 
HETATM 187 H H3     . DFT A 1 6  ? 1.419   -2.743  2.280   1.00 0.00 ? 6  DFT 1 H3     1 
ATOM   188 P P      . DG  A 1 7  ? 6.398   -9.230  1.054   1.00 0.00 ? 7  DG  1 P      1 
ATOM   189 O OP1    . DG  A 1 7  ? 6.521   -10.614 1.563   1.00 0.00 ? 7  DG  1 OP1    1 
ATOM   190 O OP2    . DG  A 1 7  ? 7.220   -8.792  -0.099  1.00 0.00 ? 7  DG  1 OP2    1 
ATOM   191 O "O5'"  . DG  A 1 7  ? 4.843   -8.956  0.721   1.00 0.00 ? 7  DG  1 "O5'"  1 
ATOM   192 C "C5'"  . DG  A 1 7  ? 3.841   -9.223  1.685   1.00 0.00 ? 7  DG  1 "C5'"  1 
ATOM   193 C "C4'"  . DG  A 1 7  ? 2.471   -8.749  1.211   1.00 0.00 ? 7  DG  1 "C4'"  1 
ATOM   194 O "O4'"  . DG  A 1 7  ? 2.447   -7.349  1.027   1.00 0.00 ? 7  DG  1 "O4'"  1 
ATOM   195 C "C3'"  . DG  A 1 7  ? 2.021   -9.393  -0.114  1.00 0.00 ? 7  DG  1 "C3'"  1 
ATOM   196 O "O3'"  . DG  A 1 7  ? 0.887   -10.198 0.169   1.00 0.00 ? 7  DG  1 "O3'"  1 
ATOM   197 C "C2'"  . DG  A 1 7  ? 1.738   -8.183  -1.008  1.00 0.00 ? 7  DG  1 "C2'"  1 
ATOM   198 C "C1'"  . DG  A 1 7  ? 1.481   -7.107  0.034   1.00 0.00 ? 7  DG  1 "C1'"  1 
ATOM   199 N N9     . DG  A 1 7  ? 1.648   -5.750  -0.511  1.00 0.00 ? 7  DG  1 N9     1 
ATOM   200 C C8     . DG  A 1 7  ? 2.688   -5.212  -1.227  1.00 0.00 ? 7  DG  1 C8     1 
ATOM   201 N N7     . DG  A 1 7  ? 2.506   -3.979  -1.599  1.00 0.00 ? 7  DG  1 N7     1 
ATOM   202 C C5     . DG  A 1 7  ? 1.241   -3.684  -1.112  1.00 0.00 ? 7  DG  1 C5     1 
ATOM   203 C C6     . DG  A 1 7  ? 0.454   -2.507  -1.271  1.00 0.00 ? 7  DG  1 C6     1 
ATOM   204 O O6     . DG  A 1 7  ? 0.789   -1.479  -1.844  1.00 0.00 ? 7  DG  1 O6     1 
ATOM   205 N N1     . DG  A 1 7  ? -0.825  -2.625  -0.704  1.00 0.00 ? 7  DG  1 N1     1 
ATOM   206 C C2     . DG  A 1 7  ? -1.291  -3.770  -0.063  1.00 0.00 ? 7  DG  1 C2     1 
ATOM   207 N N2     . DG  A 1 7  ? -2.557  -3.791  0.361   1.00 0.00 ? 7  DG  1 N2     1 
ATOM   208 N N3     . DG  A 1 7  ? -0.541  -4.875  0.088   1.00 0.00 ? 7  DG  1 N3     1 
ATOM   209 C C4     . DG  A 1 7  ? 0.704   -4.768  -0.457  1.00 0.00 ? 7  DG  1 C4     1 
ATOM   210 H "H5'"  . DG  A 1 7  ? 4.066   -8.714  2.624   1.00 0.00 ? 7  DG  1 "H5'"  1 
ATOM   211 H "H5''" . DG  A 1 7  ? 3.791   -10.298 1.867   1.00 0.00 ? 7  DG  1 "H5''" 1 
ATOM   212 H "H4'"  . DG  A 1 7  ? 1.754   -8.963  2.008   1.00 0.00 ? 7  DG  1 "H4'"  1 
ATOM   213 H "H3'"  . DG  A 1 7  ? 2.807   -9.996  -0.570  1.00 0.00 ? 7  DG  1 "H3'"  1 
ATOM   214 H "H2'"  . DG  A 1 7  ? 2.637   -7.953  -1.582  1.00 0.00 ? 7  DG  1 "H2'"  1 
ATOM   215 H "H2''" . DG  A 1 7  ? 0.898   -8.298  -1.689  1.00 0.00 ? 7  DG  1 "H2''" 1 
ATOM   216 H "H1'"  . DG  A 1 7  ? 0.476   -7.250  0.442   1.00 0.00 ? 7  DG  1 "H1'"  1 
ATOM   217 H H8     . DG  A 1 7  ? 3.555   -5.774  -1.523  1.00 0.00 ? 7  DG  1 H8     1 
ATOM   218 H H1     . DG  A 1 7  ? -1.444  -1.837  -0.796  1.00 0.00 ? 7  DG  1 H1     1 
ATOM   219 H H21    . DG  A 1 7  ? -3.147  -2.988  0.231   1.00 0.00 ? 7  DG  1 H21    1 
ATOM   220 H H22    . DG  A 1 7  ? -2.937  -4.632  0.770   1.00 0.00 ? 7  DG  1 H22    1 
ATOM   221 P P      . DT  A 1 8  ? -0.031  -10.887 -0.964  1.00 0.00 ? 8  DT  1 P      1 
ATOM   222 O OP1    . DT  A 1 8  ? -0.515  -12.182 -0.436  1.00 0.00 ? 8  DT  1 OP1    1 
ATOM   223 O OP2    . DT  A 1 8  ? 0.678   -10.839 -2.263  1.00 0.00 ? 8  DT  1 OP2    1 
ATOM   224 O "O5'"  . DT  A 1 8  ? -1.277  -9.858  -1.013  1.00 0.00 ? 8  DT  1 "O5'"  1 
ATOM   225 C "C5'"  . DT  A 1 8  ? -2.112  -9.659  0.121   1.00 0.00 ? 8  DT  1 "C5'"  1 
ATOM   226 C "C4'"  . DT  A 1 8  ? -3.321  -8.784  -0.220  1.00 0.00 ? 8  DT  1 "C4'"  1 
ATOM   227 O "O4'"  . DT  A 1 8  ? -2.892  -7.468  -0.517  1.00 0.00 ? 8  DT  1 "O4'"  1 
ATOM   228 C "C3'"  . DT  A 1 8  ? -4.095  -9.323  -1.438  1.00 0.00 ? 8  DT  1 "C3'"  1 
ATOM   229 O "O3'"  . DT  A 1 8  ? -5.488  -9.316  -1.165  1.00 0.00 ? 8  DT  1 "O3'"  1 
ATOM   230 C "C2'"  . DT  A 1 8  ? -3.709  -8.328  -2.528  1.00 0.00 ? 8  DT  1 "C2'"  1 
ATOM   231 C "C1'"  . DT  A 1 8  ? -3.540  -7.056  -1.700  1.00 0.00 ? 8  DT  1 "C1'"  1 
ATOM   232 N N1     . DT  A 1 8  ? -2.722  -6.033  -2.402  1.00 0.00 ? 8  DT  1 N1     1 
ATOM   233 C C2     . DT  A 1 8  ? -3.324  -4.811  -2.726  1.00 0.00 ? 8  DT  1 C2     1 
ATOM   234 O O2     . DT  A 1 8  ? -4.481  -4.519  -2.426  1.00 0.00 ? 8  DT  1 O2     1 
ATOM   235 N N3     . DT  A 1 8  ? -2.529  -3.917  -3.429  1.00 0.00 ? 8  DT  1 N3     1 
ATOM   236 C C4     . DT  A 1 8  ? -1.225  -4.134  -3.864  1.00 0.00 ? 8  DT  1 C4     1 
ATOM   237 O O4     . DT  A 1 8  ? -0.642  -3.273  -4.516  1.00 0.00 ? 8  DT  1 O4     1 
ATOM   238 C C5     . DT  A 1 8  ? -0.668  -5.422  -3.487  1.00 0.00 ? 8  DT  1 C5     1 
ATOM   239 C C7     . DT  A 1 8  ? 0.723   -5.801  -3.970  1.00 0.00 ? 8  DT  1 C7     1 
ATOM   240 C C6     . DT  A 1 8  ? -1.415  -6.307  -2.771  1.00 0.00 ? 8  DT  1 C6     1 
ATOM   241 H "H5'"  . DT  A 1 8  ? -1.544  -9.191  0.927   1.00 0.00 ? 8  DT  1 "H5'"  1 
ATOM   242 H "H5''" . DT  A 1 8  ? -2.493  -10.620 0.469   1.00 0.00 ? 8  DT  1 "H5''" 1 
ATOM   243 H "H4'"  . DT  A 1 8  ? -3.968  -8.735  0.659   1.00 0.00 ? 8  DT  1 "H4'"  1 
ATOM   244 H "H3'"  . DT  A 1 8  ? -3.778  -10.335 -1.700  1.00 0.00 ? 8  DT  1 "H3'"  1 
ATOM   245 H "H2'"  . DT  A 1 8  ? -2.768  -8.641  -2.982  1.00 0.00 ? 8  DT  1 "H2'"  1 
ATOM   246 H "H2''" . DT  A 1 8  ? -4.461  -8.219  -3.305  1.00 0.00 ? 8  DT  1 "H2''" 1 
ATOM   247 H "H1'"  . DT  A 1 8  ? -4.538  -6.700  -1.428  1.00 0.00 ? 8  DT  1 "H1'"  1 
ATOM   248 H H3     . DT  A 1 8  ? -2.952  -3.039  -3.667  1.00 0.00 ? 8  DT  1 H3     1 
ATOM   249 H H71    . DT  A 1 8  ? 1.259   -4.926  -4.339  1.00 0.00 ? 8  DT  1 H71    1 
ATOM   250 H H72    . DT  A 1 8  ? 1.301   -6.245  -3.166  1.00 0.00 ? 8  DT  1 H72    1 
ATOM   251 H H73    . DT  A 1 8  ? 0.646   -6.528  -4.778  1.00 0.00 ? 8  DT  1 H73    1 
ATOM   252 H H6     . DT  A 1 8  ? -0.981  -7.253  -2.483  1.00 0.00 ? 8  DT  1 H6     1 
ATOM   253 P P      . DT  A 1 9  ? -6.585  -9.888  -2.209  1.00 0.00 ? 9  DT  1 P      1 
ATOM   254 O OP1    . DT  A 1 9  ? -7.685  -10.493 -1.427  1.00 0.00 ? 9  DT  1 OP1    1 
ATOM   255 O OP2    . DT  A 1 9  ? -5.890  -10.692 -3.241  1.00 0.00 ? 9  DT  1 OP2    1 
ATOM   256 O "O5'"  . DT  A 1 9  ? -7.139  -8.544  -2.910  1.00 0.00 ? 9  DT  1 "O5'"  1 
ATOM   257 C "C5'"  . DT  A 1 9  ? -7.970  -7.634  -2.209  1.00 0.00 ? 9  DT  1 "C5'"  1 
ATOM   258 C "C4'"  . DT  A 1 9  ? -8.405  -6.485  -3.121  1.00 0.00 ? 9  DT  1 "C4'"  1 
ATOM   259 O "O4'"  . DT  A 1 9  ? -7.263  -5.740  -3.496  1.00 0.00 ? 9  DT  1 "O4'"  1 
ATOM   260 C "C3'"  . DT  A 1 9  ? -9.099  -6.976  -4.407  1.00 0.00 ? 9  DT  1 "C3'"  1 
ATOM   261 O "O3'"  . DT  A 1 9  ? -10.301 -6.247  -4.610  1.00 0.00 ? 9  DT  1 "O3'"  1 
ATOM   262 C "C2'"  . DT  A 1 9  ? -8.058  -6.687  -5.487  1.00 0.00 ? 9  DT  1 "C2'"  1 
ATOM   263 C "C1'"  . DT  A 1 9  ? -7.354  -5.475  -4.877  1.00 0.00 ? 9  DT  1 "C1'"  1 
ATOM   264 N N1     . DT  A 1 9  ? -5.988  -5.250  -5.420  1.00 0.00 ? 9  DT  1 N1     1 
ATOM   265 C C2     . DT  A 1 9  ? -5.642  -3.961  -5.845  1.00 0.00 ? 9  DT  1 C2     1 
ATOM   266 O O2     . DT  A 1 9  ? -6.417  -3.006  -5.833  1.00 0.00 ? 9  DT  1 O2     1 
ATOM   267 N N3     . DT  A 1 9  ? -4.338  -3.807  -6.303  1.00 0.00 ? 9  DT  1 N3     1 
ATOM   268 C C4     . DT  A 1 9  ? -3.379  -4.811  -6.421  1.00 0.00 ? 9  DT  1 C4     1 
ATOM   269 O O4     . DT  A 1 9  ? -2.278  -4.566  -6.899  1.00 0.00 ? 9  DT  1 O4     1 
ATOM   270 C C5     . DT  A 1 9  ? -3.805  -6.112  -5.937  1.00 0.00 ? 9  DT  1 C5     1 
ATOM   271 C C7     . DT  A 1 9  ? -2.849  -7.291  -6.020  1.00 0.00 ? 9  DT  1 C7     1 
ATOM   272 C C6     . DT  A 1 9  ? -5.065  -6.281  -5.452  1.00 0.00 ? 9  DT  1 C6     1 
ATOM   273 H "H5'"  . DT  A 1 9  ? -7.436  -7.228  -1.348  1.00 0.00 ? 9  DT  1 "H5'"  1 
ATOM   274 H "H5''" . DT  A 1 9  ? -8.869  -8.146  -1.864  1.00 0.00 ? 9  DT  1 "H5''" 1 
ATOM   275 H "H4'"  . DT  A 1 9  ? -9.065  -5.826  -2.552  1.00 0.00 ? 9  DT  1 "H4'"  1 
ATOM   276 H "H3'"  . DT  A 1 9  ? -9.319  -8.044  -4.356  1.00 0.00 ? 9  DT  1 "H3'"  1 
ATOM   277 H "H2'"  . DT  A 1 9  ? -7.406  -7.555  -5.575  1.00 0.00 ? 9  DT  1 "H2'"  1 
ATOM   278 H "H2''" . DT  A 1 9  ? -8.471  -6.462  -6.469  1.00 0.00 ? 9  DT  1 "H2''" 1 
ATOM   279 H "H1'"  . DT  A 1 9  ? -8.013  -4.614  -5.009  1.00 0.00 ? 9  DT  1 "H1'"  1 
ATOM   280 H H3     . DT  A 1 9  ? -4.080  -2.886  -6.602  1.00 0.00 ? 9  DT  1 H3     1 
ATOM   281 H H71    . DT  A 1 9  ? -3.397  -8.220  -6.175  1.00 0.00 ? 9  DT  1 H71    1 
ATOM   282 H H72    . DT  A 1 9  ? -2.161  -7.161  -6.856  1.00 0.00 ? 9  DT  1 H72    1 
ATOM   283 H H73    . DT  A 1 9  ? -2.268  -7.368  -5.104  1.00 0.00 ? 9  DT  1 H73    1 
ATOM   284 H H6     . DT  A 1 9  ? -5.343  -7.249  -5.072  1.00 0.00 ? 9  DT  1 H6     1 
ATOM   285 P P      . DA  A 1 10 ? -11.322 -6.573  -5.822  1.00 0.00 ? 10 DA  1 P      1 
ATOM   286 O OP1    . DA  A 1 10 ? -12.665 -6.094  -5.427  1.00 0.00 ? 10 DA  1 OP1    1 
ATOM   287 O OP2    . DA  A 1 10 ? -11.137 -7.985  -6.231  1.00 0.00 ? 10 DA  1 OP2    1 
ATOM   288 O "O5'"  . DA  A 1 10 ? -10.776 -5.631  -7.014  1.00 0.00 ? 10 DA  1 "O5'"  1 
ATOM   289 C "C5'"  . DA  A 1 10 ? -11.029 -4.238  -7.030  1.00 0.00 ? 10 DA  1 "C5'"  1 
ATOM   290 C "C4'"  . DA  A 1 10 ? -10.419 -3.580  -8.268  1.00 0.00 ? 10 DA  1 "C4'"  1 
ATOM   291 O "O4'"  . DA  A 1 10 ? -9.008  -3.528  -8.160  1.00 0.00 ? 10 DA  1 "O4'"  1 
ATOM   292 C "C3'"  . DA  A 1 10 ? -10.755 -4.314  -9.584  1.00 0.00 ? 10 DA  1 "C3'"  1 
ATOM   293 O "O3'"  . DA  A 1 10 ? -11.220 -3.344  -10.506 1.00 0.00 ? 10 DA  1 "O3'"  1 
ATOM   294 C "C2'"  . DA  A 1 10 ? -9.393  -4.876  -9.993  1.00 0.00 ? 10 DA  1 "C2'"  1 
ATOM   295 C "C1'"  . DA  A 1 10 ? -8.502  -3.771  -9.450  1.00 0.00 ? 10 DA  1 "C1'"  1 
ATOM   296 N N9     . DA  A 1 10 ? -7.072  -4.119  -9.389  1.00 0.00 ? 10 DA  1 N9     1 
ATOM   297 C C8     . DA  A 1 10 ? -6.455  -5.290  -9.018  1.00 0.00 ? 10 DA  1 C8     1 
ATOM   298 N N7     . DA  A 1 10 ? -5.153  -5.249  -9.076  1.00 0.00 ? 10 DA  1 N7     1 
ATOM   299 C C5     . DA  A 1 10 ? -4.885  -3.957  -9.509  1.00 0.00 ? 10 DA  1 C5     1 
ATOM   300 C C6     . DA  A 1 10 ? -3.694  -3.250  -9.806  1.00 0.00 ? 10 DA  1 C6     1 
ATOM   301 N N6     . DA  A 1 10 ? -2.473  -3.759  -9.625  1.00 0.00 ? 10 DA  1 N6     1 
ATOM   302 N N1     . DA  A 1 10 ? -3.793  -1.973  -10.247 1.00 0.00 ? 10 DA  1 N1     1 
ATOM   303 C C2     . DA  A 1 10 ? -4.995  -1.405  -10.365 1.00 0.00 ? 10 DA  1 C2     1 
ATOM   304 N N3     . DA  A 1 10 ? -6.182  -1.958  -10.111 1.00 0.00 ? 10 DA  1 N3     1 
ATOM   305 C C4     . DA  A 1 10 ? -6.056  -3.256  -9.693  1.00 0.00 ? 10 DA  1 C4     1 
ATOM   306 H "H5'"  . DA  A 1 10 ? -10.622 -3.766  -6.133  1.00 0.00 ? 10 DA  1 "H5'"  1 
ATOM   307 H "H5''" . DA  A 1 10 ? -12.107 -4.071  -7.066  1.00 0.00 ? 10 DA  1 "H5''" 1 
ATOM   308 H "H4'"  . DA  A 1 10 ? -10.772 -2.545  -8.298  1.00 0.00 ? 10 DA  1 "H4'"  1 
ATOM   309 H "H3'"  . DA  A 1 10 ? -11.496 -5.105  -9.457  1.00 0.00 ? 10 DA  1 "H3'"  1 
ATOM   310 H "H2'"  . DA  A 1 10 ? -9.203  -5.817  -9.475  1.00 0.00 ? 10 DA  1 "H2'"  1 
ATOM   311 H "H2''" . DA  A 1 10 ? -9.271  -5.009  -11.065 1.00 0.00 ? 10 DA  1 "H2''" 1 
ATOM   312 H "H1'"  . DA  A 1 10 ? -8.639  -2.885  -10.078 1.00 0.00 ? 10 DA  1 "H1'"  1 
ATOM   313 H H8     . DA  A 1 10 ? -6.993  -6.173  -8.712  1.00 0.00 ? 10 DA  1 H8     1 
ATOM   314 H H61    . DA  A 1 10 ? -1.673  -3.196  -9.865  1.00 0.00 ? 10 DA  1 H61    1 
ATOM   315 H H62    . DA  A 1 10 ? -2.349  -4.634  -9.135  1.00 0.00 ? 10 DA  1 H62    1 
ATOM   316 H H2     . DA  A 1 10 ? -5.013  -0.365  -10.644 1.00 0.00 ? 10 DA  1 H2     1 
ATOM   317 P P      . DC  A 1 11 ? -11.805 -3.688  -11.972 1.00 0.00 ? 11 DC  1 P      1 
ATOM   318 O OP1    . DC  A 1 11 ? -13.246 -3.357  -11.985 1.00 0.00 ? 11 DC  1 OP1    1 
ATOM   319 O OP2    . DC  A 1 11 ? -11.347 -5.030  -12.399 1.00 0.00 ? 11 DC  1 OP2    1 
ATOM   320 O "O5'"  . DC  A 1 11 ? -11.012 -2.581  -12.835 1.00 0.00 ? 11 DC  1 "O5'"  1 
ATOM   321 C "C5'"  . DC  A 1 11 ? -11.201 -1.194  -12.606 1.00 0.00 ? 11 DC  1 "C5'"  1 
ATOM   322 C "C4'"  . DC  A 1 11 ? -10.179 -0.369  -13.389 1.00 0.00 ? 11 DC  1 "C4'"  1 
ATOM   323 O "O4'"  . DC  A 1 11 ? -8.880  -0.706  -12.934 1.00 0.00 ? 11 DC  1 "O4'"  1 
ATOM   324 C "C3'"  . DC  A 1 11 ? -10.252 -0.643  -14.900 1.00 0.00 ? 11 DC  1 "C3'"  1 
ATOM   325 O "O3'"  . DC  A 1 11 ? -10.127 0.586   -15.598 1.00 0.00 ? 11 DC  1 "O3'"  1 
ATOM   326 C "C2'"  . DC  A 1 11 ? -9.072  -1.589  -15.112 1.00 0.00 ? 11 DC  1 "C2'"  1 
ATOM   327 C "C1'"  . DC  A 1 11 ? -8.099  -1.092  -14.043 1.00 0.00 ? 11 DC  1 "C1'"  1 
ATOM   328 N N1     . DC  A 1 11 ? -7.116  -2.124  -13.612 1.00 0.00 ? 11 DC  1 N1     1 
ATOM   329 C C2     . DC  A 1 11 ? -5.760  -1.776  -13.543 1.00 0.00 ? 11 DC  1 C2     1 
ATOM   330 O O2     . DC  A 1 11 ? -5.381  -0.636  -13.796 1.00 0.00 ? 11 DC  1 O2     1 
ATOM   331 N N3     . DC  A 1 11 ? -4.866  -2.741  -13.169 1.00 0.00 ? 11 DC  1 N3     1 
ATOM   332 C C4     . DC  A 1 11 ? -5.260  -3.981  -12.832 1.00 0.00 ? 11 DC  1 C4     1 
ATOM   333 N N4     . DC  A 1 11 ? -4.340  -4.871  -12.453 1.00 0.00 ? 11 DC  1 N4     1 
ATOM   334 C C5     . DC  A 1 11 ? -6.649  -4.350  -12.850 1.00 0.00 ? 11 DC  1 C5     1 
ATOM   335 C C6     . DC  A 1 11 ? -7.528  -3.393  -13.243 1.00 0.00 ? 11 DC  1 C6     1 
ATOM   336 H "H5'"  . DC  A 1 11 ? -11.079 -0.959  -11.547 1.00 0.00 ? 11 DC  1 "H5'"  1 
ATOM   337 H "H5''" . DC  A 1 11 ? -12.205 -0.906  -12.919 1.00 0.00 ? 11 DC  1 "H5''" 1 
ATOM   338 H "H4'"  . DC  A 1 11 ? -10.354 0.687   -13.174 1.00 0.00 ? 11 DC  1 "H4'"  1 
ATOM   339 H "H3'"  . DC  A 1 11 ? -11.191 -1.128  -15.175 1.00 0.00 ? 11 DC  1 "H3'"  1 
ATOM   340 H "H2'"  . DC  A 1 11 ? -9.411  -2.608  -14.938 1.00 0.00 ? 11 DC  1 "H2'"  1 
ATOM   341 H "H2''" . DC  A 1 11 ? -8.640  -1.551  -16.108 1.00 0.00 ? 11 DC  1 "H2''" 1 
ATOM   342 H "H1'"  . DC  A 1 11 ? -7.629  -0.187  -14.432 1.00 0.00 ? 11 DC  1 "H1'"  1 
ATOM   343 H H41    . DC  A 1 11 ? -3.373  -4.594  -12.447 1.00 0.00 ? 11 DC  1 H41    1 
ATOM   344 H H42    . DC  A 1 11 ? -4.609  -5.785  -12.122 1.00 0.00 ? 11 DC  1 H42    1 
ATOM   345 H H5     . DC  A 1 11 ? -6.991  -5.343  -12.601 1.00 0.00 ? 11 DC  1 H5     1 
ATOM   346 H H6     . DC  A 1 11 ? -8.572  -3.644  -13.275 1.00 0.00 ? 11 DC  1 H6     1 
ATOM   347 P P      . DC  A 1 12 ? -10.186 0.678   -17.210 1.00 0.00 ? 12 DC  1 P      1 
ATOM   348 O OP1    . DC  A 1 12 ? -10.450 2.083   -17.589 1.00 0.00 ? 12 DC  1 OP1    1 
ATOM   349 O OP2    . DC  A 1 12 ? -11.058 -0.404  -17.720 1.00 0.00 ? 12 DC  1 OP2    1 
ATOM   350 O "O5'"  . DC  A 1 12 ? -8.666  0.326   -17.595 1.00 0.00 ? 12 DC  1 "O5'"  1 
ATOM   351 C "C5'"  . DC  A 1 12 ? -7.604  1.217   -17.310 1.00 0.00 ? 12 DC  1 "C5'"  1 
ATOM   352 C "C4'"  . DC  A 1 12 ? -6.255  0.606   -17.692 1.00 0.00 ? 12 DC  1 "C4'"  1 
ATOM   353 O "O4'"  . DC  A 1 12 ? -5.962  -0.411  -16.752 1.00 0.00 ? 12 DC  1 "O4'"  1 
ATOM   354 C "C3'"  . DC  A 1 12 ? -6.261  -0.096  -19.067 1.00 0.00 ? 12 DC  1 "C3'"  1 
ATOM   355 O "O3'"  . DC  A 1 12 ? -5.627  0.677   -20.071 1.00 0.00 ? 12 DC  1 "O3'"  1 
ATOM   356 C "C2'"  . DC  A 1 12 ? -5.467  -1.382  -18.808 1.00 0.00 ? 12 DC  1 "C2'"  1 
ATOM   357 C "C1'"  . DC  A 1 12 ? -4.988  -1.212  -17.367 1.00 0.00 ? 12 DC  1 "C1'"  1 
ATOM   358 N N1     . DC  A 1 12 ? -4.795  -2.537  -16.710 1.00 0.00 ? 12 DC  1 N1     1 
ATOM   359 C C2     . DC  A 1 12 ? -3.491  -3.045  -16.635 1.00 0.00 ? 12 DC  1 C2     1 
ATOM   360 O O2     . DC  A 1 12 ? -2.527  -2.376  -16.992 1.00 0.00 ? 12 DC  1 O2     1 
ATOM   361 N N3     . DC  A 1 12 ? -3.313  -4.315  -16.163 1.00 0.00 ? 12 DC  1 N3     1 
ATOM   362 C C4     . DC  A 1 12 ? -4.351  -5.091  -15.812 1.00 0.00 ? 12 DC  1 C4     1 
ATOM   363 N N4     . DC  A 1 12 ? -4.092  -6.301  -15.308 1.00 0.00 ? 12 DC  1 N4     1 
ATOM   364 C C5     . DC  A 1 12 ? -5.706  -4.611  -15.924 1.00 0.00 ? 12 DC  1 C5     1 
ATOM   365 C C6     . DC  A 1 12 ? -5.872  -3.333  -16.360 1.00 0.00 ? 12 DC  1 C6     1 
ATOM   366 H "H5'"  . DC  A 1 12 ? -7.591  1.488   -16.252 1.00 0.00 ? 12 DC  1 "H5'"  1 
ATOM   367 H "H5''" . DC  A 1 12 ? -7.732  2.119   -17.907 1.00 0.00 ? 12 DC  1 "H5''" 1 
ATOM   368 H "H4'"  . DC  A 1 12 ? -5.464  1.358   -17.624 1.00 0.00 ? 12 DC  1 "H4'"  1 
ATOM   369 H "H3'"  . DC  A 1 12 ? -7.260  -0.381  -19.393 1.00 0.00 ? 12 DC  1 "H3'"  1 
ATOM   370 H "HO3'" . DC  A 1 12 ? -4.680  0.695   -19.922 1.00 0.00 ? 12 DC  1 "HO3'" 1 
ATOM   371 H "H2'"  . DC  A 1 12 ? -6.136  -2.240  -18.886 1.00 0.00 ? 12 DC  1 "H2'"  1 
ATOM   372 H "H2''" . DC  A 1 12 ? -4.621  -1.524  -19.484 1.00 0.00 ? 12 DC  1 "H2''" 1 
ATOM   373 H "H1'"  . DC  A 1 12 ? -4.069  -0.618  -17.365 1.00 0.00 ? 12 DC  1 "H1'"  1 
ATOM   374 H H41    . DC  A 1 12 ? -3.129  -6.586  -15.203 1.00 0.00 ? 12 DC  1 H41    1 
ATOM   375 H H42    . DC  A 1 12 ? -4.836  -6.903  -14.989 1.00 0.00 ? 12 DC  1 H42    1 
ATOM   376 H H5     . DC  A 1 12 ? -6.570  -5.205  -15.662 1.00 0.00 ? 12 DC  1 H5     1 
ATOM   377 H H6     . DC  A 1 12 ? -6.877  -2.944  -16.423 1.00 0.00 ? 12 DC  1 H6     1 
ATOM   378 O "O5'"  . DG  B 2 1  ? 8.165   -8.585  -15.485 1.00 0.00 ? 1  DG  2 "O5'"  1 
ATOM   379 C "C5'"  . DG  B 2 1  ? 7.012   -7.783  -15.411 1.00 0.00 ? 1  DG  2 "C5'"  1 
ATOM   380 C "C4'"  . DG  B 2 1  ? 6.634   -6.489  -16.171 1.00 0.00 ? 1  DG  2 "C4'"  1 
ATOM   381 O "O4'"  . DG  B 2 1  ? 5.267   -6.618  -16.525 1.00 0.00 ? 1  DG  2 "O4'"  1 
ATOM   382 C "C3'"  . DG  B 2 1  ? 6.735   -5.230  -15.273 1.00 0.00 ? 1  DG  2 "C3'"  1 
ATOM   383 O "O3'"  . DG  B 2 1  ? 7.014   -4.092  -16.071 1.00 0.00 ? 1  DG  2 "O3'"  1 
ATOM   384 C "C2'"  . DG  B 2 1  ? 5.359   -5.189  -14.632 1.00 0.00 ? 1  DG  2 "C2'"  1 
ATOM   385 C "C1'"  . DG  B 2 1  ? 4.532   -5.651  -15.820 1.00 0.00 ? 1  DG  2 "C1'"  1 
ATOM   386 N N9     . DG  B 2 1  ? 3.228   -6.187  -15.390 1.00 0.00 ? 1  DG  2 N9     1 
ATOM   387 C C8     . DG  B 2 1  ? 2.926   -7.295  -14.636 1.00 0.00 ? 1  DG  2 C8     1 
ATOM   388 N N7     . DG  B 2 1  ? 1.650   -7.454  -14.412 1.00 0.00 ? 1  DG  2 N7     1 
ATOM   389 C C5     . DG  B 2 1  ? 1.063   -6.375  -15.066 1.00 0.00 ? 1  DG  2 C5     1 
ATOM   390 C C6     . DG  B 2 1  ? -0.309  -5.985  -15.177 1.00 0.00 ? 1  DG  2 C6     1 
ATOM   391 O O6     . DG  B 2 1  ? -1.283  -6.543  -14.682 1.00 0.00 ? 1  DG  2 O6     1 
ATOM   392 N N1     . DG  B 2 1  ? -0.484  -4.819  -15.941 1.00 0.00 ? 1  DG  2 N1     1 
ATOM   393 C C2     . DG  B 2 1  ? 0.561   -4.095  -16.511 1.00 0.00 ? 1  DG  2 C2     1 
ATOM   394 N N2     . DG  B 2 1  ? 0.279   -2.944  -17.127 1.00 0.00 ? 1  DG  2 N2     1 
ATOM   395 N N3     . DG  B 2 1  ? 1.847   -4.463  -16.396 1.00 0.00 ? 1  DG  2 N3     1 
ATOM   396 C C4     . DG  B 2 1  ? 2.028   -5.604  -15.672 1.00 0.00 ? 1  DG  2 C4     1 
ATOM   397 H "H5'"  . DG  B 2 1  ? 7.913   -7.229  -15.163 1.00 0.00 ? 1  DG  2 "H5'"  1 
ATOM   398 H "H5''" . DG  B 2 1  ? 6.788   -8.395  -16.291 1.00 0.00 ? 1  DG  2 "H5''" 1 
ATOM   399 H "H4'"  . DG  B 2 1  ? 7.209   -6.363  -17.094 1.00 0.00 ? 1  DG  2 "H4'"  1 
ATOM   400 H "H3'"  . DG  B 2 1  ? 7.501   -5.313  -14.501 1.00 0.00 ? 1  DG  2 "H3'"  1 
ATOM   401 H "H2'"  . DG  B 2 1  ? 5.311   -5.910  -13.813 1.00 0.00 ? 1  DG  2 "H2'"  1 
ATOM   402 H "H2''" . DG  B 2 1  ? 5.069   -4.201  -14.273 1.00 0.00 ? 1  DG  2 "H2''" 1 
ATOM   403 H "H1'"  . DG  B 2 1  ? 4.401   -4.807  -16.503 1.00 0.00 ? 1  DG  2 "H1'"  1 
ATOM   404 H H8     . DG  B 2 1  ? 3.675   -7.975  -14.258 1.00 0.00 ? 1  DG  2 H8     1 
ATOM   405 H H1     . DG  B 2 1  ? -1.424  -4.481  -16.060 1.00 0.00 ? 1  DG  2 H1     1 
ATOM   406 H H21    . DG  B 2 1  ? -0.669  -2.613  -17.174 1.00 0.00 ? 1  DG  2 H21    1 
ATOM   407 H H22    . DG  B 2 1  ? 1.032   -2.368  -17.474 1.00 0.00 ? 1  DG  2 H22    1 
ATOM   408 H "HO5'" . DG  B 2 1  ? 8.306   -8.968  -14.613 1.00 0.00 ? 1  DG  2 "HO5'" 1 
ATOM   409 P P      . DG  B 2 2  ? 7.336   -2.645  -15.425 1.00 0.00 ? 2  DG  2 P      1 
ATOM   410 O OP1    . DG  B 2 2  ? 8.342   -1.977  -16.280 1.00 0.00 ? 2  DG  2 OP1    1 
ATOM   411 O OP2    . DG  B 2 2  ? 7.598   -2.810  -13.977 1.00 0.00 ? 2  DG  2 OP2    1 
ATOM   412 O "O5'"  . DG  B 2 2  ? 5.927   -1.882  -15.596 1.00 0.00 ? 2  DG  2 "O5'"  1 
ATOM   413 C "C5'"  . DG  B 2 2  ? 5.474   -1.450  -16.867 1.00 0.00 ? 2  DG  2 "C5'"  1 
ATOM   414 C "C4'"  . DG  B 2 2  ? 4.240   -0.557  -16.730 1.00 0.00 ? 2  DG  2 "C4'"  1 
ATOM   415 O "O4'"  . DG  B 2 2  ? 3.132   -1.337  -16.326 1.00 0.00 ? 2  DG  2 "O4'"  1 
ATOM   416 C "C3'"  . DG  B 2 2  ? 4.437   0.556   -15.680 1.00 0.00 ? 2  DG  2 "C3'"  1 
ATOM   417 O "O3'"  . DG  B 2 2  ? 3.932   1.776   -16.201 1.00 0.00 ? 2  DG  2 "O3'"  1 
ATOM   418 C "C2'"  . DG  B 2 2  ? 3.613   0.037   -14.502 1.00 0.00 ? 2  DG  2 "C2'"  1 
ATOM   419 C "C1'"  . DG  B 2 2  ? 2.497   -0.656  -15.269 1.00 0.00 ? 2  DG  2 "C1'"  1 
ATOM   420 N N9     . DG  B 2 2  ? 1.770   -1.623  -14.431 1.00 0.00 ? 2  DG  2 N9     1 
ATOM   421 C C8     . DG  B 2 2  ? 2.240   -2.721  -13.756 1.00 0.00 ? 2  DG  2 C8     1 
ATOM   422 N N7     . DG  B 2 2  ? 1.316   -3.426  -13.170 1.00 0.00 ? 2  DG  2 N7     1 
ATOM   423 C C5     . DG  B 2 2  ? 0.147   -2.745  -13.479 1.00 0.00 ? 2  DG  2 C5     1 
ATOM   424 C C6     . DG  B 2 2  ? -1.207  -3.038  -13.135 1.00 0.00 ? 2  DG  2 C6     1 
ATOM   425 O O6     . DG  B 2 2  ? -1.604  -3.991  -12.475 1.00 0.00 ? 2  DG  2 O6     1 
ATOM   426 N N1     . DG  B 2 2  ? -2.112  -2.086  -13.628 1.00 0.00 ? 2  DG  2 N1     1 
ATOM   427 C C2     . DG  B 2 2  ? -1.743  -0.970  -14.373 1.00 0.00 ? 2  DG  2 C2     1 
ATOM   428 N N2     . DG  B 2 2  ? -2.687  -0.078  -14.688 1.00 0.00 ? 2  DG  2 N2     1 
ATOM   429 N N3     . DG  B 2 2  ? -0.469  -0.712  -14.714 1.00 0.00 ? 2  DG  2 N3     1 
ATOM   430 C C4     . DG  B 2 2  ? 0.420   -1.629  -14.237 1.00 0.00 ? 2  DG  2 C4     1 
ATOM   431 H "H5'"  . DG  B 2 2  ? 5.244   -2.311  -17.499 1.00 0.00 ? 2  DG  2 "H5'"  1 
ATOM   432 H "H5''" . DG  B 2 2  ? 6.250   -0.852  -17.347 1.00 0.00 ? 2  DG  2 "H5''" 1 
ATOM   433 H "H4'"  . DG  B 2 2  ? 4.017   -0.136  -17.712 1.00 0.00 ? 2  DG  2 "H4'"  1 
ATOM   434 H "H3'"  . DG  B 2 2  ? 5.486   0.678   -15.404 1.00 0.00 ? 2  DG  2 "H3'"  1 
ATOM   435 H "H2'"  . DG  B 2 2  ? 4.198   -0.685  -13.929 1.00 0.00 ? 2  DG  2 "H2'"  1 
ATOM   436 H "H2''" . DG  B 2 2  ? 3.238   0.811   -13.835 1.00 0.00 ? 2  DG  2 "H2''" 1 
ATOM   437 H "H1'"  . DG  B 2 2  ? 1.823   0.098   -15.686 1.00 0.00 ? 2  DG  2 "H1'"  1 
ATOM   438 H H8     . DG  B 2 2  ? 3.284   -2.981  -13.719 1.00 0.00 ? 2  DG  2 H8     1 
ATOM   439 H H1     . DG  B 2 2  ? -3.083  -2.215  -13.401 1.00 0.00 ? 2  DG  2 H1     1 
ATOM   440 H H21    . DG  B 2 2  ? -3.632  -0.212  -14.369 1.00 0.00 ? 2  DG  2 H21    1 
ATOM   441 H H22    . DG  B 2 2  ? -2.432  0.774   -15.164 1.00 0.00 ? 2  DG  2 H22    1 
ATOM   442 P P      . DT  B 2 3  ? 3.962   3.162   -15.369 1.00 0.00 ? 3  DT  2 P      1 
ATOM   443 O OP1    . DT  B 2 3  ? 4.124   4.269   -16.338 1.00 0.00 ? 3  DT  2 OP1    1 
ATOM   444 O OP2    . DT  B 2 3  ? 4.917   3.025   -14.246 1.00 0.00 ? 3  DT  2 OP2    1 
ATOM   445 O "O5'"  . DT  B 2 3  ? 2.468   3.237   -14.755 1.00 0.00 ? 3  DT  2 "O5'"  1 
ATOM   446 C "C5'"  . DT  B 2 3  ? 1.345   3.503   -15.580 1.00 0.00 ? 3  DT  2 "C5'"  1 
ATOM   447 C "C4'"  . DT  B 2 3  ? 0.063   3.623   -14.750 1.00 0.00 ? 3  DT  2 "C4'"  1 
ATOM   448 O "O4'"  . DT  B 2 3  ? -0.246  2.371   -14.171 1.00 0.00 ? 3  DT  2 "O4'"  1 
ATOM   449 C "C3'"  . DT  B 2 3  ? 0.173   4.655   -13.608 1.00 0.00 ? 3  DT  2 "C3'"  1 
ATOM   450 O "O3'"  . DT  B 2 3  ? -0.946  5.528   -13.659 1.00 0.00 ? 3  DT  2 "O3'"  1 
ATOM   451 C "C2'"  . DT  B 2 3  ? 0.177   3.774   -12.357 1.00 0.00 ? 3  DT  2 "C2'"  1 
ATOM   452 C "C1'"  . DT  B 2 3  ? -0.675  2.607   -12.849 1.00 0.00 ? 3  DT  2 "C1'"  1 
ATOM   453 N N1     . DT  B 2 3  ? -0.509  1.370   -12.042 1.00 0.00 ? 3  DT  2 N1     1 
ATOM   454 C C2     . DT  B 2 3  ? -1.661  0.700   -11.610 1.00 0.00 ? 3  DT  2 C2     1 
ATOM   455 O O2     . DT  B 2 3  ? -2.806  1.096   -11.823 1.00 0.00 ? 3  DT  2 O2     1 
ATOM   456 N N3     . DT  B 2 3  ? -1.444  -0.483  -10.914 1.00 0.00 ? 3  DT  2 N3     1 
ATOM   457 C C4     . DT  B 2 3  ? -0.209  -1.030  -10.578 1.00 0.00 ? 3  DT  2 C4     1 
ATOM   458 O O4     . DT  B 2 3  ? -0.146  -2.052  -9.904  1.00 0.00 ? 3  DT  2 O4     1 
ATOM   459 C C5     . DT  B 2 3  ? 0.935   -0.299  -11.094 1.00 0.00 ? 3  DT  2 C5     1 
ATOM   460 C C7     . DT  B 2 3  ? 2.339   -0.817  -10.833 1.00 0.00 ? 3  DT  2 C7     1 
ATOM   461 C C6     . DT  B 2 3  ? 0.751   0.849   -11.800 1.00 0.00 ? 3  DT  2 C6     1 
ATOM   462 H "H5'"  . DT  B 2 3  ? 1.223   2.707   -16.317 1.00 0.00 ? 3  DT  2 "H5'"  1 
ATOM   463 H "H5''" . DT  B 2 3  ? 1.489   4.451   -16.101 1.00 0.00 ? 3  DT  2 "H5''" 1 
ATOM   464 H "H4'"  . DT  B 2 3  ? -0.754  3.884   -15.428 1.00 0.00 ? 3  DT  2 "H4'"  1 
ATOM   465 H "H3'"  . DT  B 2 3  ? 1.095   5.236   -13.678 1.00 0.00 ? 3  DT  2 "H3'"  1 
ATOM   466 H "H2'"  . DT  B 2 3  ? 1.204   3.478   -12.149 1.00 0.00 ? 3  DT  2 "H2'"  1 
ATOM   467 H "H2''" . DT  B 2 3  ? -0.243  4.235   -11.464 1.00 0.00 ? 3  DT  2 "H2''" 1 
ATOM   468 H "H1'"  . DT  B 2 3  ? -1.711  2.953   -12.887 1.00 0.00 ? 3  DT  2 "H1'"  1 
ATOM   469 H H3     . DT  B 2 3  ? -2.264  -0.981  -10.616 1.00 0.00 ? 3  DT  2 H3     1 
ATOM   470 H H71    . DT  B 2 3  ? 2.869   -0.946  -11.775 1.00 0.00 ? 3  DT  2 H71    1 
ATOM   471 H H72    . DT  B 2 3  ? 2.884   -0.106  -10.213 1.00 0.00 ? 3  DT  2 H72    1 
ATOM   472 H H73    . DT  B 2 3  ? 2.317   -1.778  -10.319 1.00 0.00 ? 3  DT  2 H73    1 
ATOM   473 H H6     . DT  B 2 3  ? 1.621   1.352   -12.194 1.00 0.00 ? 3  DT  2 H6     1 
ATOM   474 P P      . DA  B 2 4  ? -1.159  6.734   -12.604 1.00 0.00 ? 4  DA  2 P      1 
ATOM   475 O OP1    . DA  B 2 4  ? -1.954  7.788   -13.272 1.00 0.00 ? 4  DA  2 OP1    1 
ATOM   476 O OP2    . DA  B 2 4  ? 0.147   7.072   -11.996 1.00 0.00 ? 4  DA  2 OP2    1 
ATOM   477 O "O5'"  . DA  B 2 4  ? -2.078  6.038   -11.474 1.00 0.00 ? 4  DA  2 "O5'"  1 
ATOM   478 C "C5'"  . DA  B 2 4  ? -3.456  5.788   -11.694 1.00 0.00 ? 4  DA  2 "C5'"  1 
ATOM   479 C "C4'"  . DA  B 2 4  ? -4.108  5.161   -10.460 1.00 0.00 ? 4  DA  2 "C4'"  1 
ATOM   480 O "O4'"  . DA  B 2 4  ? -3.680  3.820   -10.293 1.00 0.00 ? 4  DA  2 "O4'"  1 
ATOM   481 C "C3'"  . DA  B 2 4  ? -3.789  5.912   -9.146  1.00 0.00 ? 4  DA  2 "C3'"  1 
ATOM   482 O "O3'"  . DA  B 2 4  ? -5.016  6.176   -8.487  1.00 0.00 ? 4  DA  2 "O3'"  1 
ATOM   483 C "C2'"  . DA  B 2 4  ? -2.905  4.909   -8.425  1.00 0.00 ? 4  DA  2 "C2'"  1 
ATOM   484 C "C1'"  . DA  B 2 4  ? -3.560  3.628   -8.905  1.00 0.00 ? 4  DA  2 "C1'"  1 
ATOM   485 N N9     . DA  B 2 4  ? -2.743  2.455   -8.580  1.00 0.00 ? 4  DA  2 N9     1 
ATOM   486 C C8     . DA  B 2 4  ? -1.382  2.340   -8.542  1.00 0.00 ? 4  DA  2 C8     1 
ATOM   487 N N7     . DA  B 2 4  ? -0.954  1.152   -8.210  1.00 0.00 ? 4  DA  2 N7     1 
ATOM   488 C C5     . DA  B 2 4  ? -2.128  0.442   -7.978  1.00 0.00 ? 4  DA  2 C5     1 
ATOM   489 C C6     . DA  B 2 4  ? -2.410  -0.885  -7.568  1.00 0.00 ? 4  DA  2 C6     1 
ATOM   490 N N6     . DA  B 2 4  ? -1.475  -1.826  -7.416  1.00 0.00 ? 4  DA  2 N6     1 
ATOM   491 N N1     . DA  B 2 4  ? -3.700  -1.231  -7.344  1.00 0.00 ? 4  DA  2 N1     1 
ATOM   492 C C2     . DA  B 2 4  ? -4.671  -0.338  -7.546  1.00 0.00 ? 4  DA  2 C2     1 
ATOM   493 N N3     . DA  B 2 4  ? -4.541  0.917   -7.971  1.00 0.00 ? 4  DA  2 N3     1 
ATOM   494 C C4     . DA  B 2 4  ? -3.228  1.250   -8.165  1.00 0.00 ? 4  DA  2 C4     1 
ATOM   495 H "H5'"  . DA  B 2 4  ? -3.589  5.124   -12.549 1.00 0.00 ? 4  DA  2 "H5'"  1 
ATOM   496 H "H5''" . DA  B 2 4  ? -3.966  6.732   -11.889 1.00 0.00 ? 4  DA  2 "H5''" 1 
ATOM   497 H "H4'"  . DA  B 2 4  ? -5.185  5.128   -10.638 1.00 0.00 ? 4  DA  2 "H4'"  1 
ATOM   498 H "H3'"  . DA  B 2 4  ? -3.198  6.810   -9.301  1.00 0.00 ? 4  DA  2 "H3'"  1 
ATOM   499 H "H2'"  . DA  B 2 4  ? -1.908  5.060   -8.833  1.00 0.00 ? 4  DA  2 "H2'"  1 
ATOM   500 H "H2''" . DA  B 2 4  ? -2.842  4.944   -7.343  1.00 0.00 ? 4  DA  2 "H2''" 1 
ATOM   501 H "H1'"  . DA  B 2 4  ? -4.552  3.531   -8.455  1.00 0.00 ? 4  DA  2 "H1'"  1 
ATOM   502 H H8     . DA  B 2 4  ? -0.753  3.190   -8.757  1.00 0.00 ? 4  DA  2 H8     1 
ATOM   503 H H61    . DA  B 2 4  ? -1.755  -2.742  -7.103  1.00 0.00 ? 4  DA  2 H61    1 
ATOM   504 H H62    . DA  B 2 4  ? -0.532  -1.669  -7.742  1.00 0.00 ? 4  DA  2 H62    1 
ATOM   505 H H2     . DA  B 2 4  ? -5.682  -0.692  -7.416  1.00 0.00 ? 4  DA  2 H2     1 
ATOM   506 P P      . DA  B 2 5  ? -5.144  6.917   -7.060  1.00 0.00 ? 5  DA  2 P      1 
ATOM   507 O OP1    . DA  B 2 5  ? -6.031  8.089   -7.230  1.00 0.00 ? 5  DA  2 OP1    1 
ATOM   508 O OP2    . DA  B 2 5  ? -3.803  7.086   -6.459  1.00 0.00 ? 5  DA  2 OP2    1 
ATOM   509 O "O5'"  . DA  B 2 5  ? -5.942  5.786   -6.230  1.00 0.00 ? 5  DA  2 "O5'"  1 
ATOM   510 C "C5'"  . DA  B 2 5  ? -7.245  5.374   -6.611  1.00 0.00 ? 5  DA  2 "C5'"  1 
ATOM   511 C "C4'"  . DA  B 2 5  ? -7.792  4.297   -5.669  1.00 0.00 ? 5  DA  2 "C4'"  1 
ATOM   512 O "O4'"  . DA  B 2 5  ? -6.994  3.133   -5.771  1.00 0.00 ? 5  DA  2 "O4'"  1 
ATOM   513 C "C3'"  . DA  B 2 5  ? -7.777  4.757   -4.204  1.00 0.00 ? 5  DA  2 "C3'"  1 
ATOM   514 O "O3'"  . DA  B 2 5  ? -8.943  4.271   -3.547  1.00 0.00 ? 5  DA  2 "O3'"  1 
ATOM   515 C "C2'"  . DA  B 2 5  ? -6.504  4.118   -3.681  1.00 0.00 ? 5  DA  2 "C2'"  1 
ATOM   516 C "C1'"  . DA  B 2 5  ? -6.482  2.829   -4.492  1.00 0.00 ? 5  DA  2 "C1'"  1 
ATOM   517 N N9     . DA  B 2 5  ? -5.113  2.313   -4.632  1.00 0.00 ? 5  DA  2 N9     1 
ATOM   518 C C8     . DA  B 2 5  ? -3.988  2.962   -5.070  1.00 0.00 ? 5  DA  2 C8     1 
ATOM   519 N N7     . DA  B 2 5  ? -2.916  2.219   -5.085  1.00 0.00 ? 5  DA  2 N7     1 
ATOM   520 C C5     . DA  B 2 5  ? -3.373  0.983   -4.643  1.00 0.00 ? 5  DA  2 C5     1 
ATOM   521 C C6     . DA  B 2 5  ? -2.752  -0.274  -4.432  1.00 0.00 ? 5  DA  2 C6     1 
ATOM   522 N N6     . DA  B 2 5  ? -1.451  -0.495  -4.641  1.00 0.00 ? 5  DA  2 N6     1 
ATOM   523 N N1     . DA  B 2 5  ? -3.516  -1.308  -4.006  1.00 0.00 ? 5  DA  2 N1     1 
ATOM   524 C C2     . DA  B 2 5  ? -4.820  -1.122  -3.786  1.00 0.00 ? 5  DA  2 C2     1 
ATOM   525 N N3     . DA  B 2 5  ? -5.516  0.005   -3.937  1.00 0.00 ? 5  DA  2 N3     1 
ATOM   526 C C4     . DA  B 2 5  ? -4.722  1.032   -4.373  1.00 0.00 ? 5  DA  2 C4     1 
ATOM   527 H "H5'"  . DA  B 2 5  ? -7.232  4.971   -7.626  1.00 0.00 ? 5  DA  2 "H5'"  1 
ATOM   528 H "H5''" . DA  B 2 5  ? -7.923  6.228   -6.578  1.00 0.00 ? 5  DA  2 "H5''" 1 
ATOM   529 H "H4'"  . DA  B 2 5  ? -8.806  4.048   -5.989  1.00 0.00 ? 5  DA  2 "H4'"  1 
ATOM   530 H "H3'"  . DA  B 2 5  ? -7.683  5.837   -4.128  1.00 0.00 ? 5  DA  2 "H3'"  1 
ATOM   531 H "H2'"  . DA  B 2 5  ? -5.654  4.764   -3.895  1.00 0.00 ? 5  DA  2 "H2'"  1 
ATOM   532 H "H2''" . DA  B 2 5  ? -6.539  3.940   -2.616  1.00 0.00 ? 5  DA  2 "H2''" 1 
ATOM   533 H "H1'"  . DA  B 2 5  ? -7.134  2.097   -4.013  1.00 0.00 ? 5  DA  2 "H1'"  1 
ATOM   534 H H8     . DA  B 2 5  ? -4.012  4.004   -5.361  1.00 0.00 ? 5  DA  2 H8     1 
ATOM   535 H H61    . DA  B 2 5  ? -1.082  -1.420  -4.483  1.00 0.00 ? 5  DA  2 H61    1 
ATOM   536 H H62    . DA  B 2 5  ? -0.849  0.240   -4.981  1.00 0.00 ? 5  DA  2 H62    1 
ATOM   537 H H2     . DA  B 2 5  ? -5.384  -1.979  -3.453  1.00 0.00 ? 5  DA  2 H2     1 
ATOM   538 P P      . DC  B 2 6  ? -9.250  4.541   -1.980  1.00 0.00 ? 6  DC  2 P      1 
ATOM   539 O OP1    . DC  B 2 6  ? -10.693 4.311   -1.748  1.00 0.00 ? 6  DC  2 OP1    1 
ATOM   540 O OP2    . DC  B 2 6  ? -8.641  5.835   -1.599  1.00 0.00 ? 6  DC  2 OP2    1 
ATOM   541 O "O5'"  . DC  B 2 6  ? -8.430  3.365   -1.234  1.00 0.00 ? 6  DC  2 "O5'"  1 
ATOM   542 C "C5'"  . DC  B 2 6  ? -8.844  2.012   -1.285  1.00 0.00 ? 6  DC  2 "C5'"  1 
ATOM   543 C "C4'"  . DC  B 2 6  ? -7.920  1.136   -0.438  1.00 0.00 ? 6  DC  2 "C4'"  1 
ATOM   544 O "O4'"  . DC  B 2 6  ? -6.667  0.940   -1.068  1.00 0.00 ? 6  DC  2 "O4'"  1 
ATOM   545 C "C3'"  . DC  B 2 6  ? -7.624  1.718   0.961   1.00 0.00 ? 6  DC  2 "C3'"  1 
ATOM   546 O "O3'"  . DC  B 2 6  ? -7.898  0.758   1.954   1.00 0.00 ? 6  DC  2 "O3'"  1 
ATOM   547 C "C2'"  . DC  B 2 6  ? -6.113  1.859   0.961   1.00 0.00 ? 6  DC  2 "C2'"  1 
ATOM   548 C "C1'"  . DC  B 2 6  ? -5.737  0.761   -0.024  1.00 0.00 ? 6  DC  2 "C1'"  1 
ATOM   549 N N1     . DC  B 2 6  ? -4.341  0.866   -0.516  1.00 0.00 ? 6  DC  2 N1     1 
ATOM   550 C C2     . DC  B 2 6  ? -3.558  -0.294  -0.566  1.00 0.00 ? 6  DC  2 C2     1 
ATOM   551 O O2     . DC  B 2 6  ? -3.974  -1.358  -0.121  1.00 0.00 ? 6  DC  2 O2     1 
ATOM   552 N N3     . DC  B 2 6  ? -2.315  -0.206  -1.130  1.00 0.00 ? 6  DC  2 N3     1 
ATOM   553 C C4     . DC  B 2 6  ? -1.842  0.955   -1.624  1.00 0.00 ? 6  DC  2 C4     1 
ATOM   554 N N4     . DC  B 2 6  ? -0.606  0.991   -2.123  1.00 0.00 ? 6  DC  2 N4     1 
ATOM   555 C C5     . DC  B 2 6  ? -2.628  2.157   -1.576  1.00 0.00 ? 6  DC  2 C5     1 
ATOM   556 C C6     . DC  B 2 6  ? -3.853  2.059   -1.010  1.00 0.00 ? 6  DC  2 C6     1 
ATOM   557 H "H5'"  . DC  B 2 6  ? -8.847  1.646   -2.312  1.00 0.00 ? 6  DC  2 "H5'"  1 
ATOM   558 H "H5''" . DC  B 2 6  ? -9.850  1.926   -0.870  1.00 0.00 ? 6  DC  2 "H5''" 1 
ATOM   559 H "H4'"  . DC  B 2 6  ? -8.382  0.148   -0.348  1.00 0.00 ? 6  DC  2 "H4'"  1 
ATOM   560 H "H3'"  . DC  B 2 6  ? -8.078  2.689   1.165   1.00 0.00 ? 6  DC  2 "H3'"  1 
ATOM   561 H "H2'"  . DC  B 2 6  ? -5.838  2.858   0.633   1.00 0.00 ? 6  DC  2 "H2'"  1 
ATOM   562 H "H2''" . DC  B 2 6  ? -5.687  1.687   1.937   1.00 0.00 ? 6  DC  2 "H2''" 1 
ATOM   563 H "H1'"  . DC  B 2 6  ? -5.940  -0.202  0.458   1.00 0.00 ? 6  DC  2 "H1'"  1 
ATOM   564 H H41    . DC  B 2 6  ? -0.067  0.143   -2.148  1.00 0.00 ? 6  DC  2 H41    1 
ATOM   565 H H42    . DC  B 2 6  ? -0.219  1.849   -2.485  1.00 0.00 ? 6  DC  2 H42    1 
ATOM   566 H H5     . DC  B 2 6  ? -2.306  3.105   -1.976  1.00 0.00 ? 6  DC  2 H5     1 
ATOM   567 H H6     . DC  B 2 6  ? -4.429  2.957   -0.930  1.00 0.00 ? 6  DC  2 H6     1 
HETATM 568 P P      . MBZ B 2 7  ? -9.171  0.830   2.915   1.00 0.00 ? 7  MBZ 2 P      1 
HETATM 569 O OP1    . MBZ B 2 7  ? -10.396 0.581   2.123   1.00 0.00 ? 7  MBZ 2 OP1    1 
HETATM 570 O OP2    . MBZ B 2 7  ? -9.052  2.031   3.771   1.00 0.00 ? 7  MBZ 2 OP2    1 
HETATM 571 O "O5'"  . MBZ B 2 7  ? -8.803  -0.478  3.772   1.00 0.00 ? 7  MBZ 2 "O5'"  1 
HETATM 572 O "O3'"  . MBZ B 2 7  ? -7.947  -4.044  5.919   1.00 0.00 ? 7  MBZ 2 "O3'"  1 
HETATM 573 C "C1'"  . MBZ B 2 7  ? -5.880  -2.283  4.610   1.00 0.00 ? 7  MBZ 2 "C1'"  1 
HETATM 574 C "C2'"  . MBZ B 2 7  ? -6.824  -1.865  5.735   1.00 0.00 ? 7  MBZ 2 "C2'"  1 
HETATM 575 C "C3'"  . MBZ B 2 7  ? -8.050  -2.723  5.423   1.00 0.00 ? 7  MBZ 2 "C3'"  1 
HETATM 576 C "C4'"  . MBZ B 2 7  ? -8.020  -2.788  3.890   1.00 0.00 ? 7  MBZ 2 "C4'"  1 
HETATM 577 C "C5'"  . MBZ B 2 7  ? -8.970  -1.779  3.234   1.00 0.00 ? 7  MBZ 2 "C5'"  1 
HETATM 578 O "O4'"  . MBZ B 2 7  ? -6.688  -2.532  3.477   1.00 0.00 ? 7  MBZ 2 "O4'"  1 
HETATM 579 C C5M    . MBZ B 2 7  ? -1.400  1.479   2.336   1.00 0.00 ? 7  MBZ 2 C5M    1 
HETATM 580 C C6     . MBZ B 2 7  ? -1.868  0.083   2.874   1.00 0.00 ? 7  MBZ 2 C6     1 
HETATM 581 C C7     . MBZ B 2 7  ? -3.183  -0.086  3.400   1.00 0.00 ? 7  MBZ 2 C7     1 
HETATM 582 N N7     . MBZ B 2 7  ? -4.221  0.813   3.576   1.00 0.00 ? 7  MBZ 2 N7     1 
HETATM 583 C C8     . MBZ B 2 7  ? -5.194  0.120   4.085   1.00 0.00 ? 7  MBZ 2 C8     1 
HETATM 584 N N1     . MBZ B 2 7  ? -4.918  -1.213  4.259   1.00 0.00 ? 7  MBZ 2 N1     1 
HETATM 585 C C9     . MBZ B 2 7  ? -3.610  -1.326  3.825   1.00 0.00 ? 7  MBZ 2 C9     1 
HETATM 586 C C10    . MBZ B 2 7  ? -2.770  -2.471  3.774   1.00 0.00 ? 7  MBZ 2 C10    1 
HETATM 587 C C11    . MBZ B 2 7  ? -1.456  -2.323  3.292   1.00 0.00 ? 7  MBZ 2 C11    1 
HETATM 588 C C12    . MBZ B 2 7  ? -1.005  -1.055  2.861   1.00 0.00 ? 7  MBZ 2 C12    1 
HETATM 589 H "H1'"  . MBZ B 2 7  ? -5.404  -3.213  4.915   1.00 0.00 ? 7  MBZ 2 "H1'"  1 
HETATM 590 H "H2'"  . MBZ B 2 7  ? -7.114  -0.817  5.673   1.00 0.00 ? 7  MBZ 2 "H2'"  1 
HETATM 591 H "H2''" . MBZ B 2 7  ? -6.380  -2.037  6.715   1.00 0.00 ? 7  MBZ 2 "H2''" 1 
HETATM 592 H "H3'"  . MBZ B 2 7  ? -8.968  -2.261  5.794   1.00 0.00 ? 7  MBZ 2 "H3'"  1 
HETATM 593 H "H4'"  . MBZ B 2 7  ? -8.302  -3.779  3.529   1.00 0.00 ? 7  MBZ 2 "H4'"  1 
HETATM 594 H "H5'"  . MBZ B 2 7  ? -8.785  -1.802  2.156   1.00 0.00 ? 7  MBZ 2 "H5'"  1 
HETATM 595 H "H5''" . MBZ B 2 7  ? -10.001 -2.078  3.418   1.00 0.00 ? 7  MBZ 2 "H5''" 1 
HETATM 596 H H71    . MBZ B 2 7  ? -0.590  1.892   2.921   1.00 0.00 ? 7  MBZ 2 H71    1 
HETATM 597 H H72    . MBZ B 2 7  ? -1.054  1.389   1.302   1.00 0.00 ? 7  MBZ 2 H72    1 
HETATM 598 H H73    . MBZ B 2 7  ? -2.177  2.243   2.313   1.00 0.00 ? 7  MBZ 2 H73    1 
HETATM 599 H H8     . MBZ B 2 7  ? -6.139  0.580   4.323   1.00 0.00 ? 7  MBZ 2 H8     1 
HETATM 600 H H10    . MBZ B 2 7  ? -3.110  -3.456  4.105   1.00 0.00 ? 7  MBZ 2 H10    1 
HETATM 601 H H11    . MBZ B 2 7  ? -0.792  -3.184  3.260   1.00 0.00 ? 7  MBZ 2 H11    1 
HETATM 602 H H12    . MBZ B 2 7  ? 0.010   -0.959  2.500   1.00 0.00 ? 7  MBZ 2 H12    1 
ATOM   603 P P      . DA  B 2 8  ? -7.844  -4.385  7.492   1.00 0.00 ? 8  DA  2 P      1 
ATOM   604 O OP1    . DA  B 2 8  ? -8.571  -5.650  7.733   1.00 0.00 ? 8  DA  2 OP1    1 
ATOM   605 O OP2    . DA  B 2 8  ? -8.185  -3.175  8.275   1.00 0.00 ? 8  DA  2 OP2    1 
ATOM   606 O "O5'"  . DA  B 2 8  ? -6.259  -4.664  7.635   1.00 0.00 ? 8  DA  2 "O5'"  1 
ATOM   607 C "C5'"  . DA  B 2 8  ? -5.660  -5.795  7.023   1.00 0.00 ? 8  DA  2 "C5'"  1 
ATOM   608 C "C4'"  . DA  B 2 8  ? -4.169  -5.887  7.354   1.00 0.00 ? 8  DA  2 "C4'"  1 
ATOM   609 O "O4'"  . DA  B 2 8  ? -3.466  -4.829  6.732   1.00 0.00 ? 8  DA  2 "O4'"  1 
ATOM   610 C "C3'"  . DA  B 2 8  ? -3.897  -5.806  8.868   1.00 0.00 ? 8  DA  2 "C3'"  1 
ATOM   611 O "O3'"  . DA  B 2 8  ? -3.019  -6.862  9.225   1.00 0.00 ? 8  DA  2 "O3'"  1 
ATOM   612 C "C2'"  . DA  B 2 8  ? -3.267  -4.420  9.010   1.00 0.00 ? 8  DA  2 "C2'"  1 
ATOM   613 C "C1'"  . DA  B 2 8  ? -2.559  -4.290  7.667   1.00 0.00 ? 8  DA  2 "C1'"  1 
ATOM   614 N N9     . DA  B 2 8  ? -2.280  -2.887  7.307   1.00 0.00 ? 8  DA  2 N9     1 
ATOM   615 C C8     . DA  B 2 8  ? -3.135  -1.811  7.321   1.00 0.00 ? 8  DA  2 C8     1 
ATOM   616 N N7     . DA  B 2 8  ? -2.609  -0.699  6.894   1.00 0.00 ? 8  DA  2 N7     1 
ATOM   617 C C5     . DA  B 2 8  ? -1.320  -1.069  6.543   1.00 0.00 ? 8  DA  2 C5     1 
ATOM   618 C C6     . DA  B 2 8  ? -0.230  -0.359  5.990   1.00 0.00 ? 8  DA  2 C6     1 
ATOM   619 N N6     . DA  B 2 8  ? -0.273  0.938   5.683   1.00 0.00 ? 8  DA  2 N6     1 
ATOM   620 N N1     . DA  B 2 8  ? 0.907   -1.030  5.720   1.00 0.00 ? 8  DA  2 N1     1 
ATOM   621 C C2     . DA  B 2 8  ? 0.981   -2.335  5.970   1.00 0.00 ? 8  DA  2 C2     1 
ATOM   622 N N3     . DA  B 2 8  ? 0.036   -3.119  6.503   1.00 0.00 ? 8  DA  2 N3     1 
ATOM   623 C C4     . DA  B 2 8  ? -1.108  -2.413  6.777   1.00 0.00 ? 8  DA  2 C4     1 
ATOM   624 H "H5'"  . DA  B 2 8  ? -5.785  -5.749  5.940   1.00 0.00 ? 8  DA  2 "H5'"  1 
ATOM   625 H "H5''" . DA  B 2 8  ? -6.137  -6.702  7.397   1.00 0.00 ? 8  DA  2 "H5''" 1 
ATOM   626 H "H4'"  . DA  B 2 8  ? -3.789  -6.821  6.935   1.00 0.00 ? 8  DA  2 "H4'"  1 
ATOM   627 H "H3'"  . DA  B 2 8  ? -4.811  -5.882  9.458   1.00 0.00 ? 8  DA  2 "H3'"  1 
ATOM   628 H "H2'"  . DA  B 2 8  ? -4.061  -3.679  9.110   1.00 0.00 ? 8  DA  2 "H2'"  1 
ATOM   629 H "H2''" . DA  B 2 8  ? -2.582  -4.324  9.847   1.00 0.00 ? 8  DA  2 "H2''" 1 
ATOM   630 H "H1'"  . DA  B 2 8  ? -1.642  -4.888  7.684   1.00 0.00 ? 8  DA  2 "H1'"  1 
ATOM   631 H H8     . DA  B 2 8  ? -4.153  -1.867  7.673   1.00 0.00 ? 8  DA  2 H8     1 
ATOM   632 H H61    . DA  B 2 8  ? 0.539   1.358   5.257   1.00 0.00 ? 8  DA  2 H61    1 
ATOM   633 H H62    . DA  B 2 8  ? -1.111  1.478   5.826   1.00 0.00 ? 8  DA  2 H62    1 
ATOM   634 H H2     . DA  B 2 8  ? 1.920   -2.776  5.684   1.00 0.00 ? 8  DA  2 H2     1 
ATOM   635 P P      . DT  B 2 9  ? -2.447  -7.069  10.722  1.00 0.00 ? 9  DT  2 P      1 
ATOM   636 O OP1    . DT  B 2 9  ? -2.424  -8.521  11.007  1.00 0.00 ? 9  DT  2 OP1    1 
ATOM   637 O OP2    . DT  B 2 9  ? -3.145  -6.146  11.645  1.00 0.00 ? 9  DT  2 OP2    1 
ATOM   638 O "O5'"  . DT  B 2 9  ? -0.926  -6.560  10.539  1.00 0.00 ? 9  DT  2 "O5'"  1 
ATOM   639 C "C5'"  . DT  B 2 9  ? -0.020  -7.257  9.700   1.00 0.00 ? 9  DT  2 "C5'"  1 
ATOM   640 C "C4'"  . DT  B 2 9  ? 1.345   -6.567  9.667   1.00 0.00 ? 9  DT  2 "C4'"  1 
ATOM   641 O "O4'"  . DT  B 2 9  ? 1.197   -5.271  9.116   1.00 0.00 ? 9  DT  2 "O4'"  1 
ATOM   642 C "C3'"  . DT  B 2 9  ? 1.968   -6.425  11.068  1.00 0.00 ? 9  DT  2 "C3'"  1 
ATOM   643 O "O3'"  . DT  B 2 9  ? 3.334   -6.812  11.015  1.00 0.00 ? 9  DT  2 "O3'"  1 
ATOM   644 C "C2'"  . DT  B 2 9  ? 1.793   -4.934  11.346  1.00 0.00 ? 9  DT  2 "C2'"  1 
ATOM   645 C "C1'"  . DT  B 2 9  ? 1.920   -4.375  9.928   1.00 0.00 ? 9  DT  2 "C1'"  1 
ATOM   646 N N1     . DT  B 2 9  ? 1.378   -3.000  9.762   1.00 0.00 ? 9  DT  2 N1     1 
ATOM   647 C C2     . DT  B 2 9  ? 2.141   -2.078  9.037   1.00 0.00 ? 9  DT  2 C2     1 
ATOM   648 O O2     . DT  B 2 9  ? 3.253   -2.333  8.579   1.00 0.00 ? 9  DT  2 O2     1 
ATOM   649 N N3     . DT  B 2 9  ? 1.562   -0.829  8.846   1.00 0.00 ? 9  DT  2 N3     1 
ATOM   650 C C4     . DT  B 2 9  ? 0.317   -0.416  9.316   1.00 0.00 ? 9  DT  2 C4     1 
ATOM   651 O O4     . DT  B 2 9  ? -0.076  0.727   9.107   1.00 0.00 ? 9  DT  2 O4     1 
ATOM   652 C C5     . DT  B 2 9  ? -0.428  -1.439  10.031  1.00 0.00 ? 9  DT  2 C5     1 
ATOM   653 C C7     . DT  B 2 9  ? -1.804  -1.113  10.591  1.00 0.00 ? 9  DT  2 C7     1 
ATOM   654 C C6     . DT  B 2 9  ? 0.114   -2.673  10.220  1.00 0.00 ? 9  DT  2 C6     1 
ATOM   655 H "H5'"  . DT  B 2 9  ? -0.409  -7.303  8.680   1.00 0.00 ? 9  DT  2 "H5'"  1 
ATOM   656 H "H5''" . DT  B 2 9  ? 0.119   -8.272  10.072  1.00 0.00 ? 9  DT  2 "H5''" 1 
ATOM   657 H "H4'"  . DT  B 2 9  ? 2.001   -7.142  9.009   1.00 0.00 ? 9  DT  2 "H4'"  1 
ATOM   658 H "H3'"  . DT  B 2 9  ? 1.445   -7.028  11.814  1.00 0.00 ? 9  DT  2 "H3'"  1 
ATOM   659 H "H2'"  . DT  B 2 9  ? 0.803   -4.777  11.774  1.00 0.00 ? 9  DT  2 "H2'"  1 
ATOM   660 H "H2''" . DT  B 2 9  ? 2.534   -4.529  12.029  1.00 0.00 ? 9  DT  2 "H2''" 1 
ATOM   661 H "H1'"  . DT  B 2 9  ? 2.968   -4.443  9.627   1.00 0.00 ? 9  DT  2 "H1'"  1 
ATOM   662 H H3     . DT  B 2 9  ? 2.095   -0.171  8.305   1.00 0.00 ? 9  DT  2 H3     1 
ATOM   663 H H71    . DT  B 2 9  ? -2.070  -1.793  11.399  1.00 0.00 ? 9  DT  2 H71    1 
ATOM   664 H H72    . DT  B 2 9  ? -1.813  -0.095  10.982  1.00 0.00 ? 9  DT  2 H72    1 
ATOM   665 H H73    . DT  B 2 9  ? -2.558  -1.189  9.811   1.00 0.00 ? 9  DT  2 H73    1 
ATOM   666 H H6     . DT  B 2 9  ? -0.469  -3.418  10.731  1.00 0.00 ? 9  DT  2 H6     1 
ATOM   667 P P      . DG  B 2 10 ? 4.323   -6.720  12.291  1.00 0.00 ? 10 DG  2 P      1 
ATOM   668 O OP1    . DG  B 2 10 ? 5.329   -7.798  12.170  1.00 0.00 ? 10 DG  2 OP1    1 
ATOM   669 O OP2    . DG  B 2 10 ? 3.507   -6.611  13.523  1.00 0.00 ? 10 DG  2 OP2    1 
ATOM   670 O "O5'"  . DG  B 2 10 ? 5.060   -5.302  12.044  1.00 0.00 ? 10 DG  2 "O5'"  1 
ATOM   671 C "C5'"  . DG  B 2 10 ? 6.032   -5.148  11.023  1.00 0.00 ? 10 DG  2 "C5'"  1 
ATOM   672 C "C4'"  . DG  B 2 10 ? 6.622   -3.736  11.014  1.00 0.00 ? 10 DG  2 "C4'"  1 
ATOM   673 O "O4'"  . DG  B 2 10 ? 5.657   -2.794  10.593  1.00 0.00 ? 10 DG  2 "O4'"  1 
ATOM   674 C "C3'"  . DG  B 2 10 ? 7.147   -3.273  12.389  1.00 0.00 ? 10 DG  2 "C3'"  1 
ATOM   675 O "O3'"  . DG  B 2 10 ? 8.532   -2.969  12.268  1.00 0.00 ? 10 DG  2 "O3'"  1 
ATOM   676 C "C2'"  . DG  B 2 10 ? 6.279   -2.059  12.692  1.00 0.00 ? 10 DG  2 "C2'"  1 
ATOM   677 C "C1'"  . DG  B 2 10 ? 5.936   -1.600  11.285  1.00 0.00 ? 10 DG  2 "C1'"  1 
ATOM   678 N N9     . DG  B 2 10 ? 4.746   -0.741  11.279  1.00 0.00 ? 10 DG  2 N9     1 
ATOM   679 C C8     . DG  B 2 10 ? 3.537   -0.948  11.887  1.00 0.00 ? 10 DG  2 C8     1 
ATOM   680 N N7     . DG  B 2 10 ? 2.671   0.005   11.696  1.00 0.00 ? 10 DG  2 N7     1 
ATOM   681 C C5     . DG  B 2 10 ? 3.367   0.923   10.919  1.00 0.00 ? 10 DG  2 C5     1 
ATOM   682 C C6     . DG  B 2 10 ? 2.981   2.217   10.452  1.00 0.00 ? 10 DG  2 C6     1 
ATOM   683 O O6     . DG  B 2 10 ? 1.878   2.741   10.565  1.00 0.00 ? 10 DG  2 O6     1 
ATOM   684 N N1     . DG  B 2 10 ? 4.032   2.909   9.828   1.00 0.00 ? 10 DG  2 N1     1 
ATOM   685 C C2     . DG  B 2 10 ? 5.309   2.385   9.642   1.00 0.00 ? 10 DG  2 C2     1 
ATOM   686 N N2     . DG  B 2 10 ? 6.240   3.159   9.076   1.00 0.00 ? 10 DG  2 N2     1 
ATOM   687 N N3     . DG  B 2 10 ? 5.657   1.153   10.053  1.00 0.00 ? 10 DG  2 N3     1 
ATOM   688 C C4     . DG  B 2 10 ? 4.652   0.484   10.688  1.00 0.00 ? 10 DG  2 C4     1 
ATOM   689 H "H5'"  . DG  B 2 10 ? 5.588   -5.355  10.047  1.00 0.00 ? 10 DG  2 "H5'"  1 
ATOM   690 H "H5''" . DG  B 2 10 ? 6.853   -5.845  11.197  1.00 0.00 ? 10 DG  2 "H5''" 1 
ATOM   691 H "H4'"  . DG  B 2 10 ? 7.422   -3.712  10.270  1.00 0.00 ? 10 DG  2 "H4'"  1 
ATOM   692 H "H3'"  . DG  B 2 10 ? 6.964   -4.010  13.170  1.00 0.00 ? 10 DG  2 "H3'"  1 
ATOM   693 H "H2'"  . DG  B 2 10 ? 5.391   -2.394  13.229  1.00 0.00 ? 10 DG  2 "H2'"  1 
ATOM   694 H "H2''" . DG  B 2 10 ? 6.770   -1.289  13.277  1.00 0.00 ? 10 DG  2 "H2''" 1 
ATOM   695 H "H1'"  . DG  B 2 10 ? 6.803   -1.097  10.845  1.00 0.00 ? 10 DG  2 "H1'"  1 
ATOM   696 H H8     . DG  B 2 10 ? 3.354   -1.825  12.487  1.00 0.00 ? 10 DG  2 H8     1 
ATOM   697 H H1     . DG  B 2 10 ? 3.839   3.842   9.501   1.00 0.00 ? 10 DG  2 H1     1 
ATOM   698 H H21    . DG  B 2 10 ? 6.017   4.100   8.799   1.00 0.00 ? 10 DG  2 H21    1 
ATOM   699 H H22    . DG  B 2 10 ? 7.179   2.809   8.960   1.00 0.00 ? 10 DG  2 H22    1 
ATOM   700 P P      . DC  B 2 11 ? 9.420   -2.311  13.452  1.00 0.00 ? 11 DC  2 P      1 
ATOM   701 O OP1    . DC  B 2 11 ? 10.773  -2.908  13.391  1.00 0.00 ? 11 DC  2 OP1    1 
ATOM   702 O OP2    . DC  B 2 11 ? 8.653   -2.360  14.717  1.00 0.00 ? 11 DC  2 OP2    1 
ATOM   703 O "O5'"  . DC  B 2 11 ? 9.531   -0.766  12.979  1.00 0.00 ? 11 DC  2 "O5'"  1 
ATOM   704 C "C5'"  . DC  B 2 11 ? 10.216  -0.405  11.789  1.00 0.00 ? 11 DC  2 "C5'"  1 
ATOM   705 C "C4'"  . DC  B 2 11 ? 10.248  1.112   11.574  1.00 0.00 ? 11 DC  2 "C4'"  1 
ATOM   706 O "O4'"  . DC  B 2 11 ? 8.926   1.590   11.414  1.00 0.00 ? 11 DC  2 "O4'"  1 
ATOM   707 C "C3'"  . DC  B 2 11 ? 10.894  1.872   12.747  1.00 0.00 ? 11 DC  2 "C3'"  1 
ATOM   708 O "O3'"  . DC  B 2 11 ? 11.719  2.908   12.233  1.00 0.00 ? 11 DC  2 "O3'"  1 
ATOM   709 C "C2'"  . DC  B 2 11 ? 9.681   2.410   13.498  1.00 0.00 ? 11 DC  2 "C2'"  1 
ATOM   710 C "C1'"  . DC  B 2 11 ? 8.715   2.638   12.336  1.00 0.00 ? 11 DC  2 "C1'"  1 
ATOM   711 N N1     . DC  B 2 11 ? 7.300   2.646   12.763  1.00 0.00 ? 11 DC  2 N1     1 
ATOM   712 C C2     . DC  B 2 11 ? 6.478   3.735   12.453  1.00 0.00 ? 11 DC  2 C2     1 
ATOM   713 O O2     . DC  B 2 11 ? 6.923   4.714   11.865  1.00 0.00 ? 11 DC  2 O2     1 
ATOM   714 N N3     . DC  B 2 11 ? 5.161   3.663   12.810  1.00 0.00 ? 11 DC  2 N3     1 
ATOM   715 C C4     . DC  B 2 11 ? 4.651   2.583   13.431  1.00 0.00 ? 11 DC  2 C4     1 
ATOM   716 N N4     . DC  B 2 11 ? 3.331   2.523   13.609  1.00 0.00 ? 11 DC  2 N4     1 
ATOM   717 C C5     . DC  B 2 11 ? 5.479   1.445   13.741  1.00 0.00 ? 11 DC  2 C5     1 
ATOM   718 C C6     . DC  B 2 11 ? 6.783   1.534   13.378  1.00 0.00 ? 11 DC  2 C6     1 
ATOM   719 H "H5'"  . DC  B 2 11 ? 9.728   -0.869  10.929  1.00 0.00 ? 11 DC  2 "H5'"  1 
ATOM   720 H "H5''" . DC  B 2 11 ? 11.248  -0.754  11.841  1.00 0.00 ? 11 DC  2 "H5''" 1 
ATOM   721 H "H4'"  . DC  B 2 11 ? 10.790  1.306   10.646  1.00 0.00 ? 11 DC  2 "H4'"  1 
ATOM   722 H "H3'"  . DC  B 2 11 ? 11.486  1.208   13.379  1.00 0.00 ? 11 DC  2 "H3'"  1 
ATOM   723 H "H2'"  . DC  B 2 11 ? 9.328   1.651   14.194  1.00 0.00 ? 11 DC  2 "H2'"  1 
ATOM   724 H "H2''" . DC  B 2 11 ? 9.870   3.326   14.055  1.00 0.00 ? 11 DC  2 "H2''" 1 
ATOM   725 H "H1'"  . DC  B 2 11 ? 9.002   3.556   11.846  1.00 0.00 ? 11 DC  2 "H1'"  1 
ATOM   726 H H41    . DC  B 2 11 ? 2.771   3.301   13.302  1.00 0.00 ? 11 DC  2 H41    1 
ATOM   727 H H42    . DC  B 2 11 ? 2.890   1.656   13.877  1.00 0.00 ? 11 DC  2 H42    1 
ATOM   728 H H5     . DC  B 2 11 ? 5.110   0.544   14.208  1.00 0.00 ? 11 DC  2 H5     1 
ATOM   729 H H6     . DC  B 2 11 ? 7.467   0.726   13.531  1.00 0.00 ? 11 DC  2 H6     1 
ATOM   730 P P      . DG  B 2 12 ? 12.547  3.919   13.186  1.00 0.00 ? 12 DG  2 P      1 
ATOM   731 O OP1    . DG  B 2 12 ? 13.736  4.385   12.438  1.00 0.00 ? 12 DG  2 OP1    1 
ATOM   732 O OP2    . DG  B 2 12 ? 12.715  3.292   14.516  1.00 0.00 ? 12 DG  2 OP2    1 
ATOM   733 O "O5'"  . DG  B 2 12 ? 11.526  5.159   13.340  1.00 0.00 ? 12 DG  2 "O5'"  1 
ATOM   734 C "C5'"  . DG  B 2 12 ? 11.268  6.038   12.260  1.00 0.00 ? 12 DG  2 "C5'"  1 
ATOM   735 C "C4'"  . DG  B 2 12 ? 10.316  7.156   12.686  1.00 0.00 ? 12 DG  2 "C4'"  1 
ATOM   736 O "O4'"  . DG  B 2 12 ? 9.030   6.638   12.944  1.00 0.00 ? 12 DG  2 "O4'"  1 
ATOM   737 C "C3'"  . DG  B 2 12 ? 10.768  7.899   13.958  1.00 0.00 ? 12 DG  2 "C3'"  1 
ATOM   738 O "O3'"  . DG  B 2 12 ? 10.762  9.289   13.679  1.00 0.00 ? 12 DG  2 "O3'"  1 
ATOM   739 C "C2'"  . DG  B 2 12 ? 9.698   7.546   14.991  1.00 0.00 ? 12 DG  2 "C2'"  1 
ATOM   740 C "C1'"  . DG  B 2 12 ? 8.514   7.331   14.058  1.00 0.00 ? 12 DG  2 "C1'"  1 
ATOM   741 N N9     . DG  B 2 12 ? 7.479   6.494   14.680  1.00 0.00 ? 12 DG  2 N9     1 
ATOM   742 C C8     . DG  B 2 12 ? 7.593   5.220   15.168  1.00 0.00 ? 12 DG  2 C8     1 
ATOM   743 N N7     . DG  B 2 12 ? 6.466   4.696   15.558  1.00 0.00 ? 12 DG  2 N7     1 
ATOM   744 C C5     . DG  B 2 12 ? 5.538   5.706   15.324  1.00 0.00 ? 12 DG  2 C5     1 
ATOM   745 C C6     . DG  B 2 12 ? 4.124   5.738   15.543  1.00 0.00 ? 12 DG  2 C6     1 
ATOM   746 O O6     . DG  B 2 12 ? 3.415   4.831   15.966  1.00 0.00 ? 12 DG  2 O6     1 
ATOM   747 N N1     . DG  B 2 12 ? 3.552   6.978   15.220  1.00 0.00 ? 12 DG  2 N1     1 
ATOM   748 C C2     . DG  B 2 12 ? 4.265   8.067   14.726  1.00 0.00 ? 12 DG  2 C2     1 
ATOM   749 N N2     . DG  B 2 12 ? 3.587   9.182   14.435  1.00 0.00 ? 12 DG  2 N2     1 
ATOM   750 N N3     . DG  B 2 12 ? 5.591   8.023   14.498  1.00 0.00 ? 12 DG  2 N3     1 
ATOM   751 C C4     . DG  B 2 12 ? 6.162   6.825   14.816  1.00 0.00 ? 12 DG  2 C4     1 
ATOM   752 H "H5'"  . DG  B 2 12 ? 10.829  5.495   11.421  1.00 0.00 ? 12 DG  2 "H5'"  1 
ATOM   753 H "H5''" . DG  B 2 12 ? 12.200  6.503   11.936  1.00 0.00 ? 12 DG  2 "H5''" 1 
ATOM   754 H "H4'"  . DG  B 2 12 ? 10.225  7.846   11.844  1.00 0.00 ? 12 DG  2 "H4'"  1 
ATOM   755 H "H3'"  . DG  B 2 12 ? 11.746  7.573   14.309  1.00 0.00 ? 12 DG  2 "H3'"  1 
ATOM   756 H "HO3'" . DG  B 2 12 ? 11.068  9.773   14.448  1.00 0.00 ? 12 DG  2 "HO3'" 1 
ATOM   757 H "H2'"  . DG  B 2 12 ? 9.941   6.616   15.515  1.00 0.00 ? 12 DG  2 "H2'"  1 
ATOM   758 H "H2''" . DG  B 2 12 ? 9.517   8.337   15.722  1.00 0.00 ? 12 DG  2 "H2''" 1 
ATOM   759 H "H1'"  . DG  B 2 12 ? 8.121   8.299   13.740  1.00 0.00 ? 12 DG  2 "H1'"  1 
ATOM   760 H H8     . DG  B 2 12 ? 8.551   4.723   15.205  1.00 0.00 ? 12 DG  2 H8     1 
ATOM   761 H H1     . DG  B 2 12 ? 2.558   7.073   15.342  1.00 0.00 ? 12 DG  2 H1     1 
ATOM   762 H H21    . DG  B 2 12 ? 2.595   9.228   14.605  1.00 0.00 ? 12 DG  2 H21    1 
ATOM   763 H H22    . DG  B 2 12 ? 4.065   9.968   14.021  1.00 0.00 ? 12 DG  2 H22    1 
# 
